data_4LYY
#
_entry.id   4LYY
#
_cell.length_a   51.514
_cell.length_b   101.173
_cell.length_c   73.844
_cell.angle_alpha   90.000
_cell.angle_beta   107.380
_cell.angle_gamma   90.000
#
_symmetry.space_group_name_H-M   'P 1 21 1'
#
loop_
_entity.id
_entity.type
_entity.pdbx_description
1 polymer 'Hypoxanthine phosphoribosyltransferase'
2 non-polymer 'PHOSPHATE ION'
3 water water
#
_entity_poly.entity_id   1
_entity_poly.type   'polypeptide(L)'
_entity_poly.pdbx_seq_one_letter_code
;(MSE)HHHHHHSSGVDLGTENLYFQS(MSE)KHTTEV(MSE)ITAEEIDQKLDILAEQINAHYADSDRLL(MSE)VGLLK
GSVVF(MSE)ADLCRRIKGHVEIDF(MSE)SVSSYGNE(MSE)SSSRDVKILKDVQSEIQGRDVLIVEDLIDSGNTLNKV
RD(MSE)LLLREPKSLALCTLLDKPERREVDVPVDFIGFTIPDEFIVGYGIDYAEQYRNLPYIAKVVPLED
;
_entity_poly.pdbx_strand_id   A,B,C,D
#
# COMPACT_ATOMS: atom_id res chain seq x y z
N TYR A 19 -33.93 -0.26 16.68
CA TYR A 19 -34.58 -0.96 15.53
C TYR A 19 -34.03 -2.38 15.37
N PHE A 20 -34.93 -3.35 15.26
CA PHE A 20 -34.49 -4.69 14.91
C PHE A 20 -34.58 -4.86 13.40
N GLN A 21 -33.51 -5.35 12.79
CA GLN A 21 -33.51 -5.56 11.36
C GLN A 21 -33.79 -7.01 11.06
N SER A 22 -34.95 -7.27 10.46
CA SER A 22 -35.37 -8.62 10.06
C SER A 22 -34.54 -9.03 8.84
N LYS A 24 -33.69 -9.80 5.22
CA LYS A 24 -34.27 -9.21 4.02
CA LYS A 24 -34.25 -9.21 4.02
C LYS A 24 -34.01 -10.09 2.78
N HIS A 25 -33.05 -11.00 2.89
CA HIS A 25 -32.80 -11.93 1.80
C HIS A 25 -32.31 -13.26 2.33
N THR A 26 -32.23 -14.24 1.45
CA THR A 26 -31.56 -15.48 1.76
C THR A 26 -30.61 -15.84 0.60
N THR A 27 -29.95 -16.98 0.69
CA THR A 27 -29.04 -17.41 -0.37
C THR A 27 -29.47 -18.79 -0.79
N GLU A 28 -29.45 -19.06 -2.09
CA GLU A 28 -29.75 -20.41 -2.57
C GLU A 28 -28.62 -20.89 -3.48
N VAL A 29 -28.13 -22.10 -3.22
CA VAL A 29 -27.04 -22.70 -3.99
C VAL A 29 -27.33 -22.65 -5.48
N ILE A 31 -24.25 -23.07 -7.73
CA ILE A 31 -23.20 -24.01 -8.14
C ILE A 31 -22.61 -24.66 -6.90
N THR A 32 -22.66 -25.98 -6.79
CA THR A 32 -22.27 -26.65 -5.54
C THR A 32 -20.77 -26.71 -5.42
N ALA A 33 -20.28 -26.96 -4.20
CA ALA A 33 -18.86 -27.15 -3.96
C ALA A 33 -18.33 -28.27 -4.85
N GLU A 34 -19.12 -29.33 -5.02
CA GLU A 34 -18.68 -30.45 -5.85
C GLU A 34 -18.53 -30.05 -7.32
N GLU A 35 -19.46 -29.26 -7.84
CA GLU A 35 -19.39 -28.79 -9.23
C GLU A 35 -18.17 -27.89 -9.46
N ILE A 36 -17.87 -27.05 -8.46
CA ILE A 36 -16.68 -26.20 -8.51
C ILE A 36 -15.42 -27.07 -8.54
N ASP A 37 -15.34 -28.05 -7.65
CA ASP A 37 -14.24 -29.01 -7.64
C ASP A 37 -14.03 -29.65 -9.03
N GLN A 38 -15.14 -30.04 -9.68
CA GLN A 38 -15.09 -30.64 -11.03
C GLN A 38 -14.50 -29.67 -12.05
N LYS A 39 -14.97 -28.44 -11.99
CA LYS A 39 -14.51 -27.41 -12.92
C LYS A 39 -13.02 -27.11 -12.72
N LEU A 40 -12.57 -27.13 -11.47
CA LEU A 40 -11.14 -26.89 -11.17
C LEU A 40 -10.28 -28.00 -11.76
N ASP A 41 -10.76 -29.23 -11.71
CA ASP A 41 -10.05 -30.34 -12.38
C ASP A 41 -9.89 -30.10 -13.87
N ILE A 42 -10.97 -29.64 -14.52
CA ILE A 42 -10.93 -29.28 -15.93
C ILE A 42 -9.99 -28.11 -16.22
N LEU A 43 -10.11 -27.04 -15.44
CA LEU A 43 -9.26 -25.87 -15.68
C LEU A 43 -7.80 -26.26 -15.51
N ALA A 44 -7.52 -27.09 -14.51
CA ALA A 44 -6.13 -27.49 -14.23
C ALA A 44 -5.58 -28.31 -15.41
N GLU A 45 -6.40 -29.22 -15.96
CA GLU A 45 -5.99 -30.01 -17.15
C GLU A 45 -5.66 -29.05 -18.29
N GLN A 46 -6.49 -28.02 -18.49
CA GLN A 46 -6.26 -27.05 -19.57
C GLN A 46 -5.00 -26.21 -19.33
N ILE A 47 -4.82 -25.73 -18.11
CA ILE A 47 -3.65 -24.91 -17.76
C ILE A 47 -2.36 -25.74 -17.84
N ASN A 48 -2.38 -26.93 -17.27
CA ASN A 48 -1.20 -27.82 -17.28
C ASN A 48 -0.79 -28.18 -18.69
N ALA A 49 -1.77 -28.45 -19.55
CA ALA A 49 -1.52 -28.73 -20.97
C ALA A 49 -0.93 -27.50 -21.67
N HIS A 50 -1.50 -26.34 -21.38
CA HIS A 50 -1.09 -25.09 -21.98
C HIS A 50 0.36 -24.72 -21.61
N TYR A 51 0.75 -25.00 -20.38
CA TYR A 51 2.12 -24.71 -19.91
C TYR A 51 3.08 -25.91 -19.90
N ALA A 52 2.77 -26.94 -20.69
CA ALA A 52 3.59 -28.17 -20.74
C ALA A 52 5.08 -27.89 -20.96
N ASP A 53 5.38 -26.96 -21.87
CA ASP A 53 6.75 -26.66 -22.26
C ASP A 53 7.36 -25.54 -21.42
N SER A 54 6.61 -25.13 -20.41
CA SER A 54 7.08 -24.12 -19.48
C SER A 54 7.50 -24.82 -18.20
N ASP A 55 8.63 -24.41 -17.64
CA ASP A 55 9.15 -24.97 -16.39
C ASP A 55 8.66 -24.22 -15.14
N ARG A 56 8.57 -22.89 -15.24
CA ARG A 56 8.14 -22.05 -14.12
C ARG A 56 6.92 -21.21 -14.52
N LEU A 57 5.97 -21.11 -13.59
CA LEU A 57 4.73 -20.34 -13.79
C LEU A 57 4.49 -19.49 -12.54
N LEU A 58 4.19 -18.21 -12.75
CA LEU A 58 3.83 -17.33 -11.66
C LEU A 58 2.32 -17.06 -11.75
N VAL A 60 -0.81 -15.04 -10.35
CA VAL A 60 -1.09 -13.76 -9.67
C VAL A 60 -2.59 -13.62 -9.44
N GLY A 61 -2.98 -13.53 -8.18
CA GLY A 61 -4.40 -13.38 -7.86
C GLY A 61 -4.72 -11.95 -7.48
N LEU A 62 -5.91 -11.48 -7.84
CA LEU A 62 -6.34 -10.16 -7.42
C LEU A 62 -7.12 -10.30 -6.11
N LEU A 63 -6.72 -9.57 -5.09
CA LEU A 63 -7.42 -9.59 -3.79
C LEU A 63 -8.71 -8.76 -3.86
N LYS A 64 -9.74 -9.09 -3.04
CA LYS A 64 -9.76 -10.23 -2.14
C LYS A 64 -10.37 -11.44 -2.84
N GLY A 65 -11.01 -11.19 -3.97
CA GLY A 65 -11.95 -12.18 -4.52
C GLY A 65 -11.35 -13.46 -5.06
N SER A 66 -10.07 -13.43 -5.40
CA SER A 66 -9.41 -14.55 -6.08
CA SER A 66 -9.47 -14.58 -6.07
C SER A 66 -8.83 -15.58 -5.10
N VAL A 67 -8.80 -15.24 -3.82
CA VAL A 67 -8.03 -16.04 -2.86
CA VAL A 67 -8.02 -16.03 -2.86
C VAL A 67 -8.47 -17.50 -2.75
N VAL A 68 -9.77 -17.72 -2.65
CA VAL A 68 -10.28 -19.10 -2.50
C VAL A 68 -10.00 -19.89 -3.78
N PHE A 69 -10.37 -19.31 -4.91
CA PHE A 69 -10.10 -19.94 -6.20
C PHE A 69 -8.61 -20.21 -6.40
N ALA A 71 -6.19 -20.55 -4.14
CA ALA A 71 -5.79 -21.61 -3.21
C ALA A 71 -6.13 -23.01 -3.75
N ASP A 72 -7.36 -23.20 -4.23
CA ASP A 72 -7.75 -24.49 -4.76
C ASP A 72 -7.05 -24.86 -6.07
N LEU A 73 -6.97 -23.90 -6.99
CA LEU A 73 -6.41 -24.15 -8.31
C LEU A 73 -4.91 -24.41 -8.24
N CYS A 74 -4.19 -23.59 -7.46
CA CYS A 74 -2.74 -23.68 -7.46
C CYS A 74 -2.28 -25.08 -7.01
N ARG A 75 -3.04 -25.71 -6.13
CA ARG A 75 -2.74 -27.07 -5.66
C ARG A 75 -2.88 -28.15 -6.74
N ARG A 76 -3.43 -27.78 -7.89
CA ARG A 76 -3.58 -28.72 -8.99
C ARG A 76 -2.68 -28.40 -10.16
N ILE A 77 -1.91 -27.33 -10.06
CA ILE A 77 -1.02 -26.96 -11.19
C ILE A 77 0.35 -27.59 -11.03
N LYS A 78 0.86 -28.17 -12.10
CA LYS A 78 2.10 -28.93 -12.02
C LYS A 78 3.32 -28.03 -12.25
N GLY A 79 4.49 -28.50 -11.82
CA GLY A 79 5.75 -27.81 -12.12
C GLY A 79 6.21 -26.85 -11.06
N HIS A 80 7.14 -25.97 -11.42
CA HIS A 80 7.59 -24.97 -10.47
C HIS A 80 6.57 -23.84 -10.53
N VAL A 81 5.81 -23.73 -9.46
CA VAL A 81 4.74 -22.77 -9.41
C VAL A 81 5.10 -21.82 -8.28
N GLU A 82 4.98 -20.52 -8.58
CA GLU A 82 5.04 -19.46 -7.56
C GLU A 82 3.72 -18.72 -7.56
N ILE A 83 3.33 -18.15 -6.41
CA ILE A 83 2.05 -17.44 -6.35
C ILE A 83 2.33 -16.02 -5.83
N ASP A 84 1.49 -15.08 -6.23
CA ASP A 84 1.62 -13.71 -5.71
C ASP A 84 0.25 -13.08 -5.83
N PHE A 85 0.10 -11.87 -5.31
CA PHE A 85 -1.20 -11.20 -5.26
C PHE A 85 -1.03 -9.71 -5.54
N SER A 87 -3.49 -5.96 -5.19
N SER A 87 -3.52 -5.96 -5.18
CA SER A 87 -4.74 -5.30 -4.82
CA SER A 87 -4.78 -5.33 -4.81
C SER A 87 -4.85 -4.06 -5.70
C SER A 87 -4.89 -4.06 -5.64
N VAL A 88 -5.95 -3.97 -6.42
CA VAL A 88 -6.21 -2.77 -7.24
C VAL A 88 -7.61 -2.23 -6.97
N SER A 89 -7.81 -0.94 -7.25
CA SER A 89 -9.15 -0.35 -7.09
C SER A 89 -9.93 -0.57 -8.38
N SER A 90 -11.23 -0.78 -8.25
CA SER A 90 -12.10 -1.06 -9.40
C SER A 90 -12.19 0.11 -10.40
N ARG A 99 -13.31 6.16 -11.56
CA ARG A 99 -12.11 5.76 -10.85
C ARG A 99 -11.14 5.07 -11.80
N ASP A 100 -9.88 5.53 -11.80
CA ASP A 100 -8.80 4.83 -12.48
C ASP A 100 -8.51 3.57 -11.69
N VAL A 101 -7.84 2.62 -12.32
CA VAL A 101 -7.37 1.47 -11.57
C VAL A 101 -6.06 1.86 -10.89
N LYS A 102 -6.13 1.98 -9.56
CA LYS A 102 -4.98 2.29 -8.70
C LYS A 102 -4.44 1.01 -8.10
N ILE A 103 -3.12 0.92 -7.98
CA ILE A 103 -2.47 -0.22 -7.37
C ILE A 103 -2.35 0.07 -5.89
N LEU A 104 -3.12 -0.66 -5.09
CA LEU A 104 -3.04 -0.62 -3.64
C LEU A 104 -1.93 -1.52 -3.12
N LYS A 105 -1.71 -2.65 -3.79
CA LYS A 105 -0.55 -3.48 -3.47
C LYS A 105 -0.14 -4.13 -4.79
N ASP A 106 1.12 -3.92 -5.16
CA ASP A 106 1.69 -4.47 -6.36
C ASP A 106 2.18 -5.90 -6.07
N VAL A 107 2.48 -6.65 -7.12
CA VAL A 107 3.08 -7.98 -6.94
C VAL A 107 4.46 -7.80 -6.29
N GLN A 108 4.89 -8.79 -5.52
CA GLN A 108 6.22 -8.73 -4.93
C GLN A 108 7.28 -9.35 -5.85
N SER A 109 6.85 -10.12 -6.84
CA SER A 109 7.75 -10.86 -7.74
C SER A 109 8.11 -10.04 -8.97
N GLU A 110 9.30 -10.27 -9.55
CA GLU A 110 9.59 -9.73 -10.87
C GLU A 110 8.72 -10.43 -11.94
N ILE A 111 8.28 -9.68 -12.94
CA ILE A 111 7.40 -10.18 -14.00
C ILE A 111 8.16 -10.39 -15.33
N GLN A 112 9.19 -9.57 -15.56
CA GLN A 112 9.83 -9.58 -16.89
C GLN A 112 10.43 -10.94 -17.23
N GLY A 113 10.16 -11.41 -18.43
CA GLY A 113 10.68 -12.70 -18.91
C GLY A 113 10.05 -13.93 -18.27
N ARG A 114 8.95 -13.76 -17.54
CA ARG A 114 8.27 -14.88 -16.86
C ARG A 114 6.93 -15.23 -17.48
N ASP A 115 6.50 -16.48 -17.29
CA ASP A 115 5.17 -16.89 -17.72
C ASP A 115 4.21 -16.59 -16.58
N VAL A 116 3.20 -15.79 -16.88
CA VAL A 116 2.36 -15.23 -15.83
C VAL A 116 0.91 -15.57 -16.14
N LEU A 117 0.21 -16.06 -15.12
CA LEU A 117 -1.20 -16.38 -15.22
C LEU A 117 -1.98 -15.55 -14.17
N ILE A 118 -2.84 -14.64 -14.62
CA ILE A 118 -3.69 -13.87 -13.72
C ILE A 118 -4.90 -14.71 -13.42
N VAL A 119 -5.23 -14.79 -12.12
CA VAL A 119 -6.31 -15.66 -11.69
C VAL A 119 -7.35 -14.79 -11.00
N GLU A 120 -8.60 -14.85 -11.49
CA GLU A 120 -9.66 -13.96 -11.00
C GLU A 120 -10.95 -14.76 -10.76
N ASP A 121 -11.75 -14.37 -9.78
CA ASP A 121 -12.96 -15.17 -9.50
C ASP A 121 -14.02 -14.95 -10.57
N LEU A 122 -14.24 -13.69 -10.96
CA LEU A 122 -15.35 -13.35 -11.83
C LEU A 122 -14.98 -12.25 -12.79
N ILE A 123 -15.32 -12.42 -14.06
CA ILE A 123 -15.21 -11.30 -15.00
C ILE A 123 -16.62 -10.93 -15.42
N ASP A 124 -16.97 -9.66 -15.28
CA ASP A 124 -18.23 -9.17 -15.80
C ASP A 124 -17.95 -8.11 -16.88
N SER A 125 -17.73 -6.87 -16.46
CA SER A 125 -17.46 -5.79 -17.41
C SER A 125 -16.11 -5.98 -18.13
N GLY A 126 -15.14 -6.53 -17.40
CA GLY A 126 -13.78 -6.69 -17.92
C GLY A 126 -12.90 -5.48 -17.68
N ASN A 127 -13.51 -4.39 -17.20
CA ASN A 127 -12.82 -3.11 -17.12
C ASN A 127 -11.58 -3.21 -16.24
N THR A 128 -11.71 -3.78 -15.04
CA THR A 128 -10.57 -3.91 -14.12
C THR A 128 -9.47 -4.83 -14.63
N LEU A 129 -9.86 -6.04 -15.05
CA LEU A 129 -8.93 -7.00 -15.60
C LEU A 129 -8.18 -6.40 -16.81
N ASN A 130 -8.87 -5.65 -17.66
CA ASN A 130 -8.20 -5.10 -18.84
C ASN A 130 -7.10 -4.09 -18.44
N LYS A 131 -7.37 -3.30 -17.41
CA LYS A 131 -6.39 -2.31 -16.95
C LYS A 131 -5.21 -2.99 -16.26
N VAL A 132 -5.50 -4.05 -15.50
CA VAL A 132 -4.43 -4.85 -14.89
C VAL A 132 -3.58 -5.55 -15.94
N ARG A 133 -4.22 -6.12 -16.96
CA ARG A 133 -3.49 -6.74 -18.07
C ARG A 133 -2.53 -5.72 -18.71
N ASP A 134 -3.06 -4.53 -19.01
CA ASP A 134 -2.26 -3.50 -19.68
C ASP A 134 -1.05 -3.09 -18.83
N LEU A 136 0.53 -4.90 -16.49
CA LEU A 136 1.48 -6.02 -16.45
C LEU A 136 2.26 -6.21 -17.75
N LEU A 137 1.58 -5.99 -18.88
CA LEU A 137 2.20 -6.14 -20.19
C LEU A 137 3.37 -5.19 -20.36
N LEU A 138 3.30 -4.03 -19.71
CA LEU A 138 4.40 -3.07 -19.70
C LEU A 138 5.70 -3.64 -19.15
N ARG A 139 5.57 -4.62 -18.27
CA ARG A 139 6.72 -5.24 -17.62
C ARG A 139 7.30 -6.38 -18.46
N GLU A 140 6.70 -6.59 -19.63
CA GLU A 140 7.19 -7.52 -20.64
C GLU A 140 7.38 -8.93 -20.08
N PRO A 141 6.29 -9.51 -19.53
CA PRO A 141 6.36 -10.93 -19.23
C PRO A 141 6.64 -11.73 -20.51
N LYS A 142 7.26 -12.90 -20.37
CA LYS A 142 7.41 -13.83 -21.50
C LYS A 142 6.04 -14.18 -22.07
N SER A 143 5.09 -14.43 -21.19
CA SER A 143 3.69 -14.63 -21.59
C SER A 143 2.77 -14.16 -20.46
N LEU A 144 1.56 -13.76 -20.86
CA LEU A 144 0.55 -13.30 -19.94
C LEU A 144 -0.77 -13.96 -20.32
N ALA A 145 -1.37 -14.67 -19.37
CA ALA A 145 -2.68 -15.31 -19.61
C ALA A 145 -3.62 -14.99 -18.46
N LEU A 146 -4.91 -15.16 -18.71
CA LEU A 146 -5.95 -14.79 -17.76
C LEU A 146 -6.86 -15.98 -17.56
N CYS A 147 -7.20 -16.26 -16.30
CA CYS A 147 -8.06 -17.38 -15.95
C CYS A 147 -9.12 -16.83 -15.01
N THR A 148 -10.38 -17.06 -15.35
CA THR A 148 -11.50 -16.67 -14.48
CA THR A 148 -11.51 -16.66 -14.52
C THR A 148 -12.41 -17.86 -14.22
N LEU A 149 -12.77 -18.06 -12.95
CA LEU A 149 -13.70 -19.15 -12.64
C LEU A 149 -15.10 -18.90 -13.24
N LEU A 150 -15.57 -17.67 -13.12
CA LEU A 150 -16.91 -17.29 -13.57
C LEU A 150 -16.87 -16.18 -14.60
N ASP A 151 -17.74 -16.27 -15.61
CA ASP A 151 -17.80 -15.25 -16.64
C ASP A 151 -19.26 -14.93 -16.90
N LYS A 152 -19.57 -13.63 -16.86
CA LYS A 152 -20.86 -13.09 -17.31
C LYS A 152 -20.64 -12.39 -18.66
N PRO A 153 -20.69 -13.13 -19.78
CA PRO A 153 -20.31 -12.53 -21.06
C PRO A 153 -21.26 -11.39 -21.49
N GLU A 154 -22.48 -11.43 -20.98
CA GLU A 154 -23.50 -10.40 -21.22
C GLU A 154 -23.04 -9.03 -20.74
N ARG A 155 -22.28 -9.02 -19.65
CA ARG A 155 -21.88 -7.77 -19.02
C ARG A 155 -20.65 -7.11 -19.62
N ARG A 156 -20.01 -7.77 -20.58
CA ARG A 156 -18.72 -7.28 -21.11
C ARG A 156 -18.79 -5.88 -21.75
N GLU A 157 -17.86 -5.03 -21.36
CA GLU A 157 -17.78 -3.64 -21.87
C GLU A 157 -16.49 -3.37 -22.61
N VAL A 158 -15.49 -4.23 -22.41
CA VAL A 158 -14.24 -4.10 -23.13
C VAL A 158 -13.74 -5.49 -23.51
N ASP A 159 -13.13 -5.63 -24.68
CA ASP A 159 -12.74 -6.94 -25.22
C ASP A 159 -11.40 -7.45 -24.65
N VAL A 160 -11.45 -7.95 -23.42
CA VAL A 160 -10.23 -8.48 -22.80
C VAL A 160 -10.11 -9.99 -23.07
N PRO A 161 -8.95 -10.46 -23.55
CA PRO A 161 -8.84 -11.87 -23.89
C PRO A 161 -8.67 -12.72 -22.64
N VAL A 162 -9.56 -13.70 -22.46
CA VAL A 162 -9.51 -14.59 -21.32
C VAL A 162 -9.20 -15.99 -21.83
N ASP A 163 -8.10 -16.54 -21.36
CA ASP A 163 -7.56 -17.80 -21.88
C ASP A 163 -8.28 -19.03 -21.33
N PHE A 164 -8.69 -18.98 -20.06
CA PHE A 164 -9.28 -20.13 -19.38
C PHE A 164 -10.52 -19.64 -18.61
N ILE A 165 -11.66 -20.27 -18.87
CA ILE A 165 -12.92 -19.88 -18.27
C ILE A 165 -13.59 -21.10 -17.65
N GLY A 166 -14.00 -20.97 -16.39
CA GLY A 166 -14.72 -22.05 -15.73
C GLY A 166 -16.17 -22.11 -16.16
N PHE A 167 -17.02 -21.34 -15.50
CA PHE A 167 -18.46 -21.39 -15.74
C PHE A 167 -18.89 -20.15 -16.46
N THR A 168 -19.78 -20.31 -17.44
CA THR A 168 -20.47 -19.18 -18.00
C THR A 168 -21.81 -19.09 -17.30
N ILE A 169 -22.09 -17.92 -16.71
CA ILE A 169 -23.29 -17.72 -15.89
C ILE A 169 -24.10 -16.49 -16.35
N PRO A 170 -25.43 -16.49 -16.07
CA PRO A 170 -26.19 -15.29 -16.39
C PRO A 170 -25.91 -14.18 -15.39
N ASP A 171 -26.38 -12.97 -15.68
CA ASP A 171 -26.13 -11.83 -14.82
C ASP A 171 -26.99 -11.88 -13.54
N GLU A 172 -26.72 -12.86 -12.68
CA GLU A 172 -27.45 -13.03 -11.43
C GLU A 172 -26.68 -12.35 -10.29
N PHE A 173 -27.40 -12.02 -9.22
CA PHE A 173 -26.80 -11.50 -8.01
C PHE A 173 -26.18 -12.69 -7.28
N ILE A 174 -24.86 -12.87 -7.42
CA ILE A 174 -24.21 -14.05 -6.86
C ILE A 174 -23.13 -13.77 -5.78
N VAL A 175 -22.96 -14.73 -4.89
CA VAL A 175 -21.98 -14.65 -3.81
C VAL A 175 -21.36 -16.01 -3.58
N GLY A 176 -20.25 -16.03 -2.86
CA GLY A 176 -19.68 -17.30 -2.42
C GLY A 176 -18.36 -17.53 -3.11
N TYR A 177 -17.57 -18.45 -2.54
CA TYR A 177 -16.31 -18.88 -3.14
C TYR A 177 -15.45 -17.68 -3.54
N GLY A 178 -15.33 -16.74 -2.61
CA GLY A 178 -14.56 -15.52 -2.81
C GLY A 178 -15.35 -14.27 -3.16
N ILE A 179 -16.60 -14.42 -3.58
CA ILE A 179 -17.40 -13.27 -3.96
C ILE A 179 -18.24 -12.84 -2.77
N ASP A 180 -18.16 -11.55 -2.42
CA ASP A 180 -18.88 -11.04 -1.28
C ASP A 180 -20.14 -10.28 -1.70
N TYR A 181 -21.03 -10.07 -0.73
CA TYR A 181 -21.98 -9.00 -0.79
C TYR A 181 -21.85 -8.22 0.51
N ALA A 182 -21.44 -6.95 0.40
CA ALA A 182 -21.24 -6.09 1.58
C ALA A 182 -20.29 -6.79 2.53
N GLU A 183 -19.17 -7.27 2.00
CA GLU A 183 -18.22 -8.10 2.74
C GLU A 183 -18.90 -9.21 3.58
N GLN A 184 -19.88 -9.89 2.98
CA GLN A 184 -20.42 -11.08 3.59
C GLN A 184 -20.40 -12.15 2.51
N TYR A 185 -20.39 -13.41 2.93
CA TYR A 185 -20.56 -14.57 2.06
C TYR A 185 -19.33 -14.99 1.28
N ARG A 186 -18.20 -14.29 1.46
CA ARG A 186 -16.98 -14.65 0.73
C ARG A 186 -16.52 -16.08 1.03
N ASN A 187 -16.81 -16.55 2.24
CA ASN A 187 -16.38 -17.87 2.67
C ASN A 187 -17.35 -19.02 2.40
N LEU A 188 -18.47 -18.78 1.72
CA LEU A 188 -19.33 -19.89 1.33
C LEU A 188 -18.56 -20.83 0.41
N PRO A 189 -18.66 -22.15 0.67
CA PRO A 189 -17.92 -23.13 -0.15
C PRO A 189 -18.59 -23.41 -1.50
N TYR A 190 -19.74 -22.79 -1.72
CA TYR A 190 -20.47 -22.91 -2.99
C TYR A 190 -20.79 -21.51 -3.49
N ILE A 191 -21.32 -21.44 -4.70
CA ILE A 191 -21.79 -20.19 -5.27
C ILE A 191 -23.30 -20.14 -5.18
N ALA A 192 -23.82 -19.05 -4.60
CA ALA A 192 -25.25 -18.90 -4.35
C ALA A 192 -25.78 -17.63 -4.98
N LYS A 193 -27.08 -17.59 -5.29
CA LYS A 193 -27.62 -16.30 -5.66
C LYS A 193 -28.30 -15.76 -4.42
N VAL A 194 -28.28 -14.44 -4.29
CA VAL A 194 -28.90 -13.76 -3.16
C VAL A 194 -30.32 -13.51 -3.61
N VAL A 195 -31.29 -14.04 -2.86
CA VAL A 195 -32.71 -13.95 -3.25
C VAL A 195 -33.54 -13.19 -2.19
N PRO A 196 -34.32 -12.16 -2.61
CA PRO A 196 -35.20 -11.45 -1.65
C PRO A 196 -36.27 -12.38 -1.07
N LEU A 197 -36.81 -12.04 0.09
CA LEU A 197 -37.91 -12.83 0.70
C LEU A 197 -39.11 -12.96 -0.24
N HIS B 25 18.49 -31.11 -2.16
CA HIS B 25 17.41 -31.54 -1.23
C HIS B 25 16.34 -32.38 -1.91
N THR B 26 15.57 -33.13 -1.11
CA THR B 26 14.29 -33.67 -1.60
C THR B 26 13.17 -33.40 -0.60
N THR B 27 11.94 -33.80 -0.94
CA THR B 27 10.80 -33.62 -0.05
C THR B 27 10.12 -34.95 0.26
N GLU B 28 9.47 -35.00 1.42
CA GLU B 28 8.82 -36.19 1.93
C GLU B 28 7.62 -35.72 2.75
N VAL B 29 6.45 -36.29 2.49
CA VAL B 29 5.21 -35.92 3.20
C VAL B 29 5.40 -36.09 4.70
N ILE B 31 2.77 -34.19 6.83
CA ILE B 31 1.35 -34.15 7.15
C ILE B 31 0.57 -34.18 5.84
N THR B 32 -0.29 -35.20 5.67
CA THR B 32 -0.99 -35.38 4.38
C THR B 32 -2.12 -34.37 4.25
N ALA B 33 -2.56 -34.15 3.00
CA ALA B 33 -3.75 -33.30 2.74
C ALA B 33 -4.97 -33.77 3.52
N GLU B 34 -5.14 -35.10 3.62
CA GLU B 34 -6.27 -35.64 4.38
C GLU B 34 -6.13 -35.31 5.89
N GLU B 35 -4.92 -35.42 6.43
CA GLU B 35 -4.66 -35.09 7.83
C GLU B 35 -4.94 -33.61 8.11
N ILE B 36 -4.55 -32.75 7.17
CA ILE B 36 -4.80 -31.31 7.32
C ILE B 36 -6.30 -31.07 7.34
N ASP B 37 -6.98 -31.66 6.36
CA ASP B 37 -8.44 -31.61 6.28
C ASP B 37 -9.14 -32.02 7.58
N GLN B 38 -8.70 -33.12 8.19
CA GLN B 38 -9.30 -33.59 9.44
C GLN B 38 -9.09 -32.56 10.55
N LYS B 39 -7.88 -32.02 10.60
CA LYS B 39 -7.56 -31.04 11.63
C LYS B 39 -8.35 -29.74 11.42
N LEU B 40 -8.58 -29.34 10.17
CA LEU B 40 -9.35 -28.11 9.91
CA LEU B 40 -9.37 -28.13 9.88
C LEU B 40 -10.78 -28.22 10.45
N ASP B 41 -11.35 -29.41 10.39
CA ASP B 41 -12.66 -29.66 11.04
C ASP B 41 -12.61 -29.48 12.58
N ILE B 42 -11.54 -29.97 13.20
CA ILE B 42 -11.31 -29.80 14.63
C ILE B 42 -11.19 -28.31 14.99
N LEU B 43 -10.34 -27.62 14.25
CA LEU B 43 -10.12 -26.17 14.46
C LEU B 43 -11.42 -25.39 14.28
N ALA B 44 -12.15 -25.71 13.20
CA ALA B 44 -13.42 -25.06 12.91
C ALA B 44 -14.43 -25.26 14.04
N GLU B 45 -14.48 -26.47 14.62
CA GLU B 45 -15.39 -26.70 15.73
C GLU B 45 -15.01 -25.82 16.94
N GLN B 46 -13.72 -25.67 17.21
CA GLN B 46 -13.27 -24.82 18.33
C GLN B 46 -13.58 -23.36 18.08
N ILE B 47 -13.33 -22.90 16.86
CA ILE B 47 -13.55 -21.50 16.49
C ILE B 47 -15.05 -21.19 16.50
N ASN B 48 -15.83 -22.10 15.93
CA ASN B 48 -17.26 -21.92 15.84
C ASN B 48 -17.88 -21.85 17.24
N ALA B 49 -17.37 -22.66 18.18
CA ALA B 49 -17.88 -22.62 19.58
C ALA B 49 -17.50 -21.30 20.26
N HIS B 50 -16.25 -20.90 20.06
CA HIS B 50 -15.72 -19.64 20.63
C HIS B 50 -16.47 -18.41 20.12
N TYR B 51 -16.91 -18.41 18.86
CA TYR B 51 -17.55 -17.23 18.30
C TYR B 51 -19.04 -17.36 18.04
N ALA B 52 -19.69 -18.32 18.68
CA ALA B 52 -21.12 -18.58 18.45
C ALA B 52 -21.93 -17.30 18.65
N ASP B 53 -21.50 -16.47 19.60
CA ASP B 53 -22.20 -15.25 20.00
C ASP B 53 -21.70 -14.00 19.27
N SER B 54 -20.99 -14.15 18.15
CA SER B 54 -20.41 -12.97 17.49
C SER B 54 -21.25 -12.41 16.35
N ASP B 55 -21.33 -11.09 16.30
CA ASP B 55 -22.14 -10.36 15.32
C ASP B 55 -21.43 -10.33 13.96
N ARG B 56 -20.12 -10.18 14.01
CA ARG B 56 -19.27 -10.10 12.84
C ARG B 56 -17.93 -10.74 13.20
N LEU B 57 -17.48 -11.71 12.44
CA LEU B 57 -16.12 -12.17 12.63
C LEU B 57 -15.29 -11.75 11.44
N LEU B 58 -14.12 -11.15 11.69
CA LEU B 58 -13.18 -10.82 10.63
C LEU B 58 -11.95 -11.69 10.77
N VAL B 60 -8.25 -12.46 9.52
CA VAL B 60 -7.18 -11.71 8.84
C VAL B 60 -5.98 -12.61 8.66
N GLY B 61 -5.54 -12.79 7.42
CA GLY B 61 -4.31 -13.56 7.16
C GLY B 61 -3.12 -12.70 6.75
N LEU B 62 -1.91 -13.18 6.99
CA LEU B 62 -0.71 -12.50 6.47
C LEU B 62 -0.35 -13.10 5.13
N LEU B 63 -0.17 -12.25 4.11
CA LEU B 63 0.34 -12.72 2.82
C LEU B 63 1.83 -13.07 2.90
N LYS B 64 2.29 -14.09 2.18
CA LYS B 64 1.50 -14.94 1.29
C LYS B 64 1.14 -16.28 1.93
N GLY B 65 1.83 -16.59 3.02
CA GLY B 65 1.78 -17.94 3.59
C GLY B 65 0.43 -18.42 4.09
N SER B 66 -0.42 -17.49 4.52
CA SER B 66 -1.66 -17.92 5.16
C SER B 66 -2.80 -18.18 4.18
N VAL B 67 -2.61 -17.90 2.90
CA VAL B 67 -3.73 -17.88 1.93
CA VAL B 67 -3.73 -17.86 1.95
C VAL B 67 -4.42 -19.23 1.78
N VAL B 68 -3.65 -20.31 1.73
CA VAL B 68 -4.23 -21.64 1.54
C VAL B 68 -4.99 -22.07 2.79
N PHE B 69 -4.34 -21.92 3.94
CA PHE B 69 -4.99 -22.26 5.20
C PHE B 69 -6.25 -21.43 5.39
N ALA B 71 -8.13 -20.01 3.08
CA ALA B 71 -9.16 -20.42 2.11
C ALA B 71 -9.90 -21.65 2.63
N ASP B 72 -9.15 -22.62 3.12
CA ASP B 72 -9.80 -23.84 3.60
C ASP B 72 -10.57 -23.63 4.89
N LEU B 73 -9.97 -22.90 5.83
CA LEU B 73 -10.58 -22.76 7.15
C LEU B 73 -11.84 -21.91 7.08
N CYS B 74 -11.81 -20.82 6.28
CA CYS B 74 -12.90 -19.86 6.33
C CYS B 74 -14.18 -20.55 5.83
N ARG B 75 -14.02 -21.54 4.94
CA ARG B 75 -15.19 -22.22 4.39
C ARG B 75 -15.91 -23.12 5.39
N ARG B 76 -15.32 -23.30 6.56
CA ARG B 76 -15.88 -24.15 7.58
C ARG B 76 -16.39 -23.34 8.77
N ILE B 77 -16.26 -22.02 8.69
CA ILE B 77 -16.60 -21.16 9.84
C ILE B 77 -18.01 -20.62 9.62
N LYS B 78 -18.86 -20.76 10.64
CA LYS B 78 -20.26 -20.34 10.57
C LYS B 78 -20.46 -18.85 10.88
N GLY B 79 -21.62 -18.33 10.49
CA GLY B 79 -22.03 -16.98 10.82
C GLY B 79 -21.59 -15.95 9.79
N HIS B 80 -21.66 -14.69 10.18
CA HIS B 80 -21.26 -13.59 9.32
CA HIS B 80 -21.26 -13.58 9.32
C HIS B 80 -19.73 -13.53 9.36
N VAL B 81 -19.10 -13.88 8.25
CA VAL B 81 -17.64 -13.92 8.24
C VAL B 81 -17.16 -13.02 7.13
N GLU B 82 -16.17 -12.18 7.43
CA GLU B 82 -15.44 -11.46 6.39
C GLU B 82 -13.99 -11.92 6.47
N ILE B 83 -13.27 -11.86 5.36
CA ILE B 83 -11.86 -12.21 5.36
C ILE B 83 -11.12 -10.96 4.87
N ASP B 84 -9.86 -10.84 5.28
CA ASP B 84 -9.00 -9.75 4.83
C ASP B 84 -7.56 -10.20 4.99
N PHE B 85 -6.63 -9.40 4.47
CA PHE B 85 -5.24 -9.80 4.37
C PHE B 85 -4.33 -8.62 4.67
N SER B 87 0.00 -7.49 4.37
CA SER B 87 1.36 -7.86 3.95
C SER B 87 2.34 -7.05 4.79
N VAL B 88 3.20 -7.74 5.53
CA VAL B 88 4.15 -7.06 6.39
C VAL B 88 5.54 -7.59 6.10
N SER B 89 6.56 -6.78 6.33
CA SER B 89 7.91 -7.27 6.11
C SER B 89 8.79 -6.88 7.26
N SER B 90 9.52 -7.87 7.75
CA SER B 90 10.55 -7.69 8.78
C SER B 90 11.80 -7.09 8.15
N ARG B 99 15.17 -5.62 12.20
CA ARG B 99 14.42 -4.73 11.32
C ARG B 99 12.95 -4.64 11.75
N ASP B 100 12.35 -3.45 11.61
CA ASP B 100 10.97 -3.22 12.04
C ASP B 100 9.99 -4.00 11.19
N VAL B 101 8.81 -4.26 11.75
CA VAL B 101 7.73 -4.82 10.95
C VAL B 101 6.95 -3.68 10.27
N LYS B 102 7.22 -3.49 8.98
CA LYS B 102 6.56 -2.45 8.16
C LYS B 102 5.35 -3.04 7.45
N ILE B 103 4.34 -2.20 7.32
CA ILE B 103 3.07 -2.61 6.71
C ILE B 103 3.11 -2.21 5.25
N LEU B 104 3.21 -3.25 4.40
CA LEU B 104 3.20 -3.10 2.95
C LEU B 104 1.78 -2.96 2.41
N LYS B 105 0.84 -3.63 3.06
CA LYS B 105 -0.58 -3.52 2.75
C LYS B 105 -1.34 -3.78 4.05
N ASP B 106 -2.12 -2.80 4.48
CA ASP B 106 -2.90 -2.95 5.70
C ASP B 106 -4.20 -3.65 5.33
N VAL B 107 -4.99 -4.00 6.34
CA VAL B 107 -6.33 -4.52 6.08
C VAL B 107 -7.19 -3.44 5.40
N GLN B 108 -8.15 -3.85 4.57
CA GLN B 108 -9.11 -2.88 4.02
C GLN B 108 -10.30 -2.71 4.98
N SER B 109 -10.62 -3.78 5.68
CA SER B 109 -11.80 -3.84 6.55
C SER B 109 -11.59 -3.12 7.88
N GLU B 110 -12.70 -2.66 8.46
CA GLU B 110 -12.69 -2.04 9.78
C GLU B 110 -12.48 -3.07 10.89
N ILE B 111 -11.65 -2.70 11.88
CA ILE B 111 -11.29 -3.55 13.02
C ILE B 111 -12.06 -3.12 14.30
N GLN B 112 -12.26 -1.82 14.46
CA GLN B 112 -12.86 -1.26 15.69
C GLN B 112 -14.21 -1.87 16.04
N GLY B 113 -14.32 -2.40 17.26
CA GLY B 113 -15.58 -2.96 17.73
C GLY B 113 -15.96 -4.33 17.17
N ARG B 114 -15.06 -4.94 16.40
CA ARG B 114 -15.33 -6.26 15.78
C ARG B 114 -14.53 -7.40 16.39
N ASP B 115 -15.04 -8.62 16.28
CA ASP B 115 -14.27 -9.79 16.66
C ASP B 115 -13.33 -10.14 15.52
N VAL B 116 -12.05 -10.25 15.85
CA VAL B 116 -11.01 -10.44 14.86
C VAL B 116 -10.22 -11.71 15.16
N LEU B 117 -10.02 -12.53 14.12
CA LEU B 117 -9.19 -13.73 14.26
C LEU B 117 -8.01 -13.66 13.28
N ILE B 118 -6.79 -13.61 13.80
CA ILE B 118 -5.60 -13.63 12.95
C ILE B 118 -5.36 -15.09 12.60
N VAL B 119 -5.19 -15.35 11.30
CA VAL B 119 -5.02 -16.73 10.80
C VAL B 119 -3.62 -16.88 10.19
N GLU B 120 -2.82 -17.80 10.69
CA GLU B 120 -1.41 -17.89 10.30
C GLU B 120 -1.09 -19.34 9.93
N ASP B 121 -0.23 -19.60 8.93
CA ASP B 121 0.12 -21.02 8.64
C ASP B 121 1.04 -21.63 9.69
N LEU B 122 2.02 -20.85 10.16
CA LEU B 122 3.04 -21.37 11.06
C LEU B 122 3.55 -20.31 12.04
N ILE B 123 3.65 -20.68 13.32
CA ILE B 123 4.32 -19.82 14.30
CA ILE B 123 4.32 -19.83 14.28
C ILE B 123 5.58 -20.50 14.79
N ASP B 124 6.71 -19.85 14.58
CA ASP B 124 7.97 -20.35 15.14
C ASP B 124 8.54 -19.35 16.15
N SER B 125 9.21 -18.30 15.70
CA SER B 125 9.74 -17.29 16.64
C SER B 125 8.62 -16.48 17.30
N GLY B 126 7.57 -16.20 16.52
CA GLY B 126 6.44 -15.38 17.00
C GLY B 126 6.65 -13.87 16.84
N ASN B 127 7.87 -13.47 16.46
CA ASN B 127 8.26 -12.06 16.41
C ASN B 127 7.30 -11.22 15.57
N THR B 128 7.08 -11.64 14.32
CA THR B 128 6.24 -10.88 13.42
C THR B 128 4.77 -10.86 13.87
N LEU B 129 4.27 -12.01 14.28
CA LEU B 129 2.89 -12.07 14.76
C LEU B 129 2.65 -11.21 15.99
N ASN B 130 3.63 -11.15 16.87
CA ASN B 130 3.51 -10.32 18.06
C ASN B 130 3.39 -8.84 17.69
N LYS B 131 4.17 -8.38 16.71
CA LYS B 131 4.09 -6.98 16.27
C LYS B 131 2.75 -6.70 15.56
N VAL B 132 2.27 -7.67 14.78
CA VAL B 132 1.00 -7.54 14.08
C VAL B 132 -0.16 -7.47 15.07
N ARG B 133 -0.13 -8.33 16.07
CA ARG B 133 -1.19 -8.37 17.08
C ARG B 133 -1.25 -7.02 17.82
N ASP B 134 -0.08 -6.51 18.20
CA ASP B 134 0.04 -5.20 18.84
C ASP B 134 -0.56 -4.06 17.98
N LEU B 136 -2.79 -4.35 15.57
CA LEU B 136 -4.25 -4.52 15.50
C LEU B 136 -4.97 -4.17 16.81
N LEU B 137 -4.32 -4.43 17.95
CA LEU B 137 -4.89 -4.05 19.25
C LEU B 137 -5.10 -2.56 19.40
N LEU B 138 -4.27 -1.76 18.71
CA LEU B 138 -4.42 -0.29 18.73
C LEU B 138 -5.75 0.18 18.16
N ARG B 139 -6.33 -0.64 17.29
CA ARG B 139 -7.59 -0.31 16.62
C ARG B 139 -8.79 -0.73 17.41
N GLU B 140 -8.58 -1.19 18.64
CA GLU B 140 -9.64 -1.52 19.58
C GLU B 140 -10.70 -2.50 19.05
N PRO B 141 -10.26 -3.67 18.56
CA PRO B 141 -11.25 -4.70 18.25
C PRO B 141 -12.02 -5.10 19.51
N LYS B 142 -13.24 -5.58 19.34
CA LYS B 142 -14.02 -6.18 20.44
C LYS B 142 -13.23 -7.31 21.08
N SER B 143 -12.61 -8.15 20.25
CA SER B 143 -11.74 -9.23 20.73
C SER B 143 -10.71 -9.56 19.65
N LEU B 144 -9.56 -10.08 20.08
CA LEU B 144 -8.51 -10.43 19.12
C LEU B 144 -7.98 -11.78 19.54
N ALA B 145 -7.91 -12.70 18.58
CA ALA B 145 -7.42 -14.05 18.85
C ALA B 145 -6.54 -14.49 17.68
N LEU B 146 -5.78 -15.56 17.90
CA LEU B 146 -4.81 -16.03 16.91
C LEU B 146 -5.00 -17.51 16.70
N CYS B 147 -5.00 -17.93 15.43
CA CYS B 147 -5.09 -19.34 15.06
C CYS B 147 -3.88 -19.65 14.16
N THR B 148 -3.15 -20.71 14.46
CA THR B 148 -2.09 -21.16 13.59
C THR B 148 -2.27 -22.62 13.26
N LEU B 149 -2.01 -22.98 12.00
CA LEU B 149 -2.08 -24.40 11.64
C LEU B 149 -0.97 -25.20 12.29
N LEU B 150 0.24 -24.66 12.24
CA LEU B 150 1.41 -25.29 12.83
C LEU B 150 2.04 -24.42 13.90
N ASP B 151 2.53 -25.05 14.97
CA ASP B 151 3.27 -24.39 16.01
C ASP B 151 4.58 -25.14 16.28
N LYS B 152 5.68 -24.42 16.28
CA LYS B 152 6.96 -24.94 16.74
C LYS B 152 7.29 -24.26 18.06
N PRO B 153 6.79 -24.81 19.18
CA PRO B 153 6.95 -24.13 20.47
C PRO B 153 8.43 -23.93 20.85
N GLU B 154 9.30 -24.86 20.46
CA GLU B 154 10.72 -24.74 20.85
C GLU B 154 11.45 -23.56 20.16
N ARG B 155 10.83 -22.99 19.12
CA ARG B 155 11.41 -21.86 18.39
C ARG B 155 10.97 -20.49 18.94
N ARG B 156 10.08 -20.47 19.93
CA ARG B 156 9.50 -19.22 20.44
C ARG B 156 10.54 -18.26 21.02
N GLU B 157 10.57 -17.04 20.50
CA GLU B 157 11.44 -16.00 21.04
C GLU B 157 10.65 -14.83 21.67
N VAL B 158 9.35 -14.90 21.59
CA VAL B 158 8.48 -13.87 22.20
C VAL B 158 7.18 -14.54 22.65
N ASP B 159 6.61 -14.08 23.77
CA ASP B 159 5.40 -14.69 24.31
C ASP B 159 4.12 -14.16 23.65
N VAL B 160 3.74 -14.72 22.52
CA VAL B 160 2.51 -14.28 21.88
C VAL B 160 1.38 -15.27 22.21
N PRO B 161 0.19 -14.75 22.62
CA PRO B 161 -0.86 -15.70 22.95
C PRO B 161 -1.48 -16.34 21.70
N VAL B 162 -1.52 -17.66 21.66
CA VAL B 162 -2.12 -18.36 20.51
C VAL B 162 -3.34 -19.11 21.04
N ASP B 163 -4.51 -18.81 20.45
CA ASP B 163 -5.77 -19.36 20.93
C ASP B 163 -6.12 -20.74 20.36
N PHE B 164 -5.75 -20.98 19.10
CA PHE B 164 -6.12 -22.20 18.40
C PHE B 164 -4.89 -22.72 17.65
N ILE B 165 -4.52 -23.97 17.89
CA ILE B 165 -3.35 -24.56 17.23
C ILE B 165 -3.76 -25.89 16.60
N GLY B 166 -3.35 -26.11 15.35
CA GLY B 166 -3.64 -27.34 14.60
C GLY B 166 -2.68 -28.43 15.05
N PHE B 167 -1.43 -28.34 14.61
CA PHE B 167 -0.41 -29.36 14.88
C PHE B 167 0.77 -28.71 15.60
N THR B 168 1.23 -29.37 16.67
CA THR B 168 2.43 -28.95 17.38
C THR B 168 3.52 -29.84 16.85
N ILE B 169 4.56 -29.22 16.28
CA ILE B 169 5.58 -29.95 15.54
C ILE B 169 7.01 -29.63 16.01
N PRO B 170 7.94 -30.57 15.79
CA PRO B 170 9.32 -30.24 16.09
C PRO B 170 9.85 -29.28 15.05
N ASP B 171 11.04 -28.76 15.29
CA ASP B 171 11.63 -27.79 14.39
C ASP B 171 12.14 -28.41 13.07
N GLU B 172 11.25 -29.08 12.34
CA GLU B 172 11.61 -29.64 11.04
C GLU B 172 11.63 -28.55 9.98
N PHE B 173 12.47 -28.74 8.97
CA PHE B 173 12.53 -27.86 7.81
C PHE B 173 11.38 -28.23 6.88
N ILE B 174 10.37 -27.37 6.78
CA ILE B 174 9.12 -27.79 6.15
C ILE B 174 8.64 -26.81 5.07
N VAL B 175 7.86 -27.36 4.14
CA VAL B 175 7.28 -26.60 3.04
C VAL B 175 5.89 -27.13 2.74
N GLY B 176 5.13 -26.41 1.93
CA GLY B 176 3.82 -26.88 1.47
C GLY B 176 2.70 -26.14 2.14
N TYR B 177 1.50 -26.25 1.56
CA TYR B 177 0.30 -25.68 2.16
C TYR B 177 0.50 -24.20 2.53
N GLY B 178 1.12 -23.47 1.60
CA GLY B 178 1.37 -22.03 1.74
C GLY B 178 2.79 -21.65 2.15
N ILE B 179 3.50 -22.57 2.81
CA ILE B 179 4.87 -22.30 3.29
C ILE B 179 5.86 -22.56 2.17
N ASP B 180 6.77 -21.61 1.93
CA ASP B 180 7.72 -21.71 0.83
C ASP B 180 9.13 -22.09 1.28
N TYR B 181 9.92 -22.55 0.33
CA TYR B 181 11.37 -22.44 0.42
C TYR B 181 11.80 -21.69 -0.82
N ALA B 182 12.39 -20.51 -0.59
CA ALA B 182 12.75 -19.56 -1.64
C ALA B 182 11.62 -19.36 -2.67
N GLU B 183 10.42 -19.09 -2.15
CA GLU B 183 9.20 -18.92 -2.95
C GLU B 183 8.61 -20.17 -3.62
N GLN B 184 9.27 -21.33 -3.49
CA GLN B 184 8.76 -22.59 -4.08
C GLN B 184 7.97 -23.40 -3.06
N TYR B 185 7.13 -24.32 -3.58
CA TYR B 185 6.39 -25.33 -2.79
C TYR B 185 5.13 -24.83 -2.06
N ARG B 186 4.76 -23.58 -2.29
CA ARG B 186 3.58 -23.04 -1.58
C ARG B 186 2.33 -23.79 -1.99
N ASN B 187 2.29 -24.30 -3.21
CA ASN B 187 1.10 -24.93 -3.75
C ASN B 187 1.01 -26.44 -3.50
N LEU B 188 1.95 -26.98 -2.73
CA LEU B 188 1.86 -28.40 -2.35
C LEU B 188 0.64 -28.58 -1.47
N PRO B 189 -0.18 -29.58 -1.76
CA PRO B 189 -1.42 -29.74 -1.00
C PRO B 189 -1.18 -30.34 0.39
N TYR B 190 0.05 -30.74 0.69
CA TYR B 190 0.39 -31.36 1.98
C TYR B 190 1.61 -30.64 2.55
N ILE B 191 1.94 -30.96 3.79
CA ILE B 191 3.11 -30.39 4.44
C ILE B 191 4.23 -31.42 4.35
N ALA B 192 5.34 -30.98 3.77
CA ALA B 192 6.47 -31.83 3.49
C ALA B 192 7.66 -31.40 4.31
N LYS B 193 8.49 -32.37 4.69
CA LYS B 193 9.79 -32.06 5.25
C LYS B 193 10.80 -31.98 4.10
N VAL B 194 11.69 -30.99 4.17
CA VAL B 194 12.79 -30.86 3.23
C VAL B 194 13.96 -31.65 3.84
N VAL B 195 14.44 -32.64 3.08
CA VAL B 195 15.54 -33.49 3.52
C VAL B 195 16.78 -33.20 2.64
N PRO B 196 17.77 -32.49 3.20
CA PRO B 196 18.99 -32.19 2.46
C PRO B 196 20.06 -33.25 2.68
N LYS C 24 35.76 10.63 4.78
CA LYS C 24 36.52 10.61 3.50
C LYS C 24 36.07 11.74 2.55
N HIS C 25 34.76 11.94 2.44
CA HIS C 25 34.20 12.93 1.52
C HIS C 25 33.70 14.19 2.23
N THR C 26 33.62 15.29 1.48
CA THR C 26 32.97 16.50 1.96
C THR C 26 32.02 17.03 0.87
N THR C 27 31.28 18.09 1.19
CA THR C 27 30.35 18.67 0.22
C THR C 27 30.77 20.11 -0.05
N GLU C 28 30.60 20.55 -1.30
CA GLU C 28 30.85 21.94 -1.67
C GLU C 28 29.66 22.45 -2.48
N VAL C 29 29.21 23.67 -2.18
CA VAL C 29 28.05 24.25 -2.88
C VAL C 29 28.30 24.32 -4.39
N ILE C 31 25.11 24.75 -6.74
CA ILE C 31 24.07 25.67 -7.13
C ILE C 31 23.44 26.21 -5.85
N THR C 32 23.50 27.51 -5.66
CA THR C 32 23.08 28.08 -4.39
C THR C 32 21.54 28.09 -4.25
N ALA C 33 21.05 28.24 -3.01
CA ALA C 33 19.62 28.34 -2.78
C ALA C 33 19.02 29.49 -3.59
N GLU C 34 19.74 30.61 -3.63
CA GLU C 34 19.28 31.78 -4.39
C GLU C 34 19.16 31.47 -5.90
N GLU C 35 20.14 30.77 -6.48
CA GLU C 35 20.10 30.34 -7.88
C GLU C 35 18.90 29.42 -8.18
N ILE C 36 18.66 28.47 -7.27
CA ILE C 36 17.48 27.62 -7.38
C ILE C 36 16.18 28.44 -7.34
N ASP C 37 16.15 29.41 -6.43
CA ASP C 37 14.94 30.25 -6.21
C ASP C 37 14.63 31.00 -7.54
N GLN C 38 15.68 31.52 -8.17
CA GLN C 38 15.51 32.22 -9.44
C GLN C 38 15.04 31.27 -10.55
N LYS C 39 15.56 30.05 -10.55
CA LYS C 39 15.17 29.10 -11.58
C LYS C 39 13.72 28.61 -11.35
N LEU C 40 13.30 28.55 -10.09
CA LEU C 40 11.91 28.16 -9.84
C LEU C 40 10.92 29.19 -10.41
N ASP C 41 11.28 30.47 -10.37
CA ASP C 41 10.42 31.47 -10.99
C ASP C 41 10.36 31.28 -12.52
N ILE C 42 11.51 30.95 -13.11
CA ILE C 42 11.57 30.68 -14.56
C ILE C 42 10.73 29.45 -14.94
N LEU C 43 10.89 28.38 -14.17
CA LEU C 43 10.06 27.17 -14.38
C LEU C 43 8.58 27.46 -14.22
N ALA C 44 8.22 28.20 -13.18
CA ALA C 44 6.82 28.50 -12.92
C ALA C 44 6.21 29.31 -14.06
N GLU C 45 6.97 30.23 -14.63
CA GLU C 45 6.41 31.03 -15.72
C GLU C 45 6.14 30.15 -16.94
N GLN C 46 7.06 29.21 -17.22
CA GLN C 46 6.88 28.28 -18.36
C GLN C 46 5.66 27.40 -18.15
N ILE C 47 5.50 26.91 -16.92
CA ILE C 47 4.41 26.03 -16.57
C ILE C 47 3.10 26.80 -16.59
N ASN C 48 3.07 27.97 -15.97
CA ASN C 48 1.86 28.79 -15.97
C ASN C 48 1.44 29.18 -17.38
N ALA C 49 2.41 29.53 -18.23
CA ALA C 49 2.08 29.84 -19.63
C ALA C 49 1.53 28.61 -20.36
N HIS C 50 2.15 27.45 -20.12
CA HIS C 50 1.75 26.18 -20.74
C HIS C 50 0.34 25.75 -20.36
N TYR C 51 -0.06 25.93 -19.10
CA TYR C 51 -1.39 25.51 -18.62
C TYR C 51 -2.40 26.64 -18.45
N ALA C 52 -2.13 27.78 -19.07
CA ALA C 52 -2.98 28.97 -18.93
C ALA C 52 -4.47 28.67 -19.18
N ASP C 53 -4.76 27.78 -20.12
CA ASP C 53 -6.12 27.46 -20.52
C ASP C 53 -6.71 26.24 -19.82
N SER C 54 -5.93 25.61 -18.94
CA SER C 54 -6.33 24.37 -18.26
C SER C 54 -7.33 24.61 -17.13
N ASP C 55 -8.27 23.68 -16.95
CA ASP C 55 -9.28 23.78 -15.91
C ASP C 55 -8.63 23.57 -14.55
N ARG C 56 -7.94 22.44 -14.41
CA ARG C 56 -7.18 22.13 -13.22
C ARG C 56 -5.90 21.38 -13.55
N LEU C 57 -4.89 21.55 -12.71
CA LEU C 57 -3.64 20.87 -12.90
C LEU C 57 -3.37 19.95 -11.71
N LEU C 58 -2.97 18.72 -12.00
CA LEU C 58 -2.50 17.80 -10.95
C LEU C 58 -0.98 17.65 -11.03
N VAL C 60 2.32 15.74 -9.75
CA VAL C 60 2.63 14.46 -9.08
C VAL C 60 4.13 14.31 -8.92
N GLY C 61 4.57 14.12 -7.68
CA GLY C 61 5.99 13.96 -7.39
C GLY C 61 6.31 12.53 -7.00
N LEU C 62 7.51 12.07 -7.32
CA LEU C 62 7.95 10.76 -6.84
C LEU C 62 8.71 10.92 -5.53
N LEU C 63 8.31 10.16 -4.52
CA LEU C 63 8.97 10.17 -3.23
C LEU C 63 10.29 9.46 -3.33
N LYS C 64 11.30 9.82 -2.54
CA LYS C 64 11.33 10.95 -1.62
C LYS C 64 11.93 12.20 -2.28
N GLY C 65 12.65 12.00 -3.36
CA GLY C 65 13.48 13.07 -3.95
C GLY C 65 12.73 14.31 -4.42
N SER C 66 11.48 14.17 -4.81
CA SER C 66 10.78 15.31 -5.41
C SER C 66 10.16 16.31 -4.41
N VAL C 67 10.11 15.97 -3.12
CA VAL C 67 9.26 16.70 -2.17
C VAL C 67 9.64 18.16 -1.97
N VAL C 68 10.95 18.45 -1.89
CA VAL C 68 11.39 19.83 -1.67
C VAL C 68 11.09 20.70 -2.89
N PHE C 69 11.52 20.22 -4.06
CA PHE C 69 11.26 20.89 -5.32
C PHE C 69 9.75 21.09 -5.50
N ALA C 71 7.36 21.17 -3.25
CA ALA C 71 6.88 22.15 -2.23
C ALA C 71 7.13 23.61 -2.65
N ASP C 72 8.35 23.88 -3.09
CA ASP C 72 8.67 25.21 -3.63
C ASP C 72 7.97 25.56 -4.93
N LEU C 73 7.93 24.63 -5.86
CA LEU C 73 7.35 24.90 -7.17
C LEU C 73 5.84 25.10 -7.11
N CYS C 74 5.14 24.27 -6.34
CA CYS C 74 3.68 24.28 -6.44
C CYS C 74 3.16 25.64 -5.91
N ARG C 75 3.91 26.24 -5.00
CA ARG C 75 3.57 27.57 -4.46
C ARG C 75 3.62 28.70 -5.48
N ARG C 76 4.21 28.45 -6.63
CA ARG C 76 4.35 29.44 -7.68
C ARG C 76 3.43 29.18 -8.88
N ILE C 77 2.65 28.11 -8.83
CA ILE C 77 1.86 27.68 -9.98
C ILE C 77 0.45 28.23 -9.79
N LYS C 78 -0.07 28.91 -10.81
CA LYS C 78 -1.38 29.52 -10.72
C LYS C 78 -2.53 28.55 -11.01
N GLY C 79 -3.74 28.93 -10.56
CA GLY C 79 -4.96 28.22 -10.94
C GLY C 79 -5.35 27.12 -9.96
N HIS C 80 -6.17 26.18 -10.43
CA HIS C 80 -6.68 25.13 -9.59
C HIS C 80 -5.67 23.98 -9.61
N VAL C 81 -4.84 23.96 -8.58
CA VAL C 81 -3.73 23.01 -8.54
C VAL C 81 -4.01 21.98 -7.46
N GLU C 82 -3.82 20.71 -7.76
CA GLU C 82 -3.81 19.65 -6.76
C GLU C 82 -2.42 19.01 -6.79
N ILE C 83 -1.98 18.46 -5.66
CA ILE C 83 -0.68 17.81 -5.64
C ILE C 83 -0.90 16.35 -5.23
N ASP C 84 -0.04 15.45 -5.67
CA ASP C 84 -0.10 14.06 -5.24
C ASP C 84 1.29 13.47 -5.36
N PHE C 85 1.48 12.27 -4.81
CA PHE C 85 2.78 11.63 -4.76
C PHE C 85 2.66 10.14 -5.05
N SER C 87 5.19 6.42 -4.91
CA SER C 87 6.44 5.82 -4.49
C SER C 87 6.65 4.59 -5.35
N VAL C 88 7.79 4.51 -6.03
CA VAL C 88 8.07 3.38 -6.90
C VAL C 88 9.46 2.83 -6.60
N SER C 89 9.69 1.55 -6.88
CA SER C 89 11.09 1.05 -6.89
C SER C 89 11.38 0.23 -8.14
N SER C 98 15.71 -3.35 -18.05
CA SER C 98 14.68 -3.78 -17.12
C SER C 98 13.33 -3.13 -17.41
N ARG C 99 12.27 -3.92 -17.33
CA ARG C 99 10.90 -3.43 -17.58
C ARG C 99 10.03 -3.48 -16.34
N ASP C 100 10.44 -4.27 -15.34
CA ASP C 100 9.75 -4.30 -14.04
C ASP C 100 9.81 -2.96 -13.29
N VAL C 101 8.73 -2.68 -12.59
CA VAL C 101 8.64 -1.54 -11.70
C VAL C 101 7.71 -2.07 -10.61
N LYS C 102 7.86 -1.58 -9.39
CA LYS C 102 6.87 -1.88 -8.36
CA LYS C 102 6.84 -1.89 -8.41
C LYS C 102 6.34 -0.59 -7.80
N ILE C 103 5.01 -0.49 -7.76
CA ILE C 103 4.36 0.68 -7.22
C ILE C 103 4.13 0.41 -5.73
N LEU C 104 4.90 1.11 -4.89
CA LEU C 104 4.77 1.04 -3.44
C LEU C 104 3.64 1.93 -2.91
N LYS C 105 3.42 3.05 -3.59
CA LYS C 105 2.21 3.86 -3.35
C LYS C 105 1.81 4.51 -4.65
N ASP C 106 0.56 4.29 -5.07
CA ASP C 106 0.05 4.92 -6.27
C ASP C 106 -0.46 6.30 -5.87
N VAL C 107 -0.78 7.14 -6.86
CA VAL C 107 -1.47 8.40 -6.58
C VAL C 107 -2.84 8.14 -5.98
N GLN C 108 -3.32 9.04 -5.13
CA GLN C 108 -4.69 8.93 -4.64
C GLN C 108 -5.73 9.55 -5.58
N SER C 109 -5.28 10.54 -6.36
CA SER C 109 -6.16 11.33 -7.21
C SER C 109 -6.48 10.63 -8.52
N GLU C 110 -7.62 10.97 -9.09
CA GLU C 110 -7.99 10.56 -10.45
C GLU C 110 -7.06 11.19 -11.49
N ILE C 111 -6.82 10.47 -12.58
CA ILE C 111 -5.90 10.90 -13.63
C ILE C 111 -6.64 11.11 -14.95
N GLN C 112 -7.62 10.24 -15.23
CA GLN C 112 -8.35 10.29 -16.50
C GLN C 112 -8.95 11.65 -16.78
N GLY C 113 -8.66 12.16 -17.97
CA GLY C 113 -9.18 13.45 -18.43
C GLY C 113 -8.61 14.68 -17.74
N ARG C 114 -7.56 14.52 -16.95
CA ARG C 114 -6.92 15.65 -16.27
C ARG C 114 -5.55 16.01 -16.86
N ASP C 115 -5.14 17.27 -16.66
CA ASP C 115 -3.79 17.68 -17.02
C ASP C 115 -2.84 17.28 -15.89
N VAL C 116 -1.82 16.50 -16.22
CA VAL C 116 -0.94 15.96 -15.19
C VAL C 116 0.50 16.36 -15.51
N LEU C 117 1.20 16.86 -14.48
CA LEU C 117 2.60 17.28 -14.58
C LEU C 117 3.41 16.46 -13.57
N ILE C 118 4.34 15.65 -14.08
CA ILE C 118 5.22 14.87 -13.20
C ILE C 118 6.37 15.76 -12.81
N VAL C 119 6.64 15.83 -11.51
CA VAL C 119 7.64 16.75 -10.98
C VAL C 119 8.77 15.92 -10.37
N GLU C 120 10.00 16.10 -10.88
CA GLU C 120 11.14 15.24 -10.50
C GLU C 120 12.35 16.11 -10.15
N ASP C 121 13.14 15.75 -9.14
CA ASP C 121 14.36 16.50 -8.84
C ASP C 121 15.45 16.35 -9.92
N LEU C 122 15.67 15.12 -10.39
CA LEU C 122 16.78 14.85 -11.30
C LEU C 122 16.44 13.72 -12.24
N ILE C 123 16.71 13.92 -13.53
CA ILE C 123 16.62 12.87 -14.52
C ILE C 123 18.02 12.56 -15.01
N ASP C 124 18.44 11.31 -14.84
CA ASP C 124 19.71 10.89 -15.40
C ASP C 124 19.48 9.80 -16.44
N SER C 125 19.37 8.54 -16.04
CA SER C 125 19.07 7.47 -17.01
C SER C 125 17.66 7.63 -17.65
N GLY C 126 16.69 8.09 -16.84
CA GLY C 126 15.30 8.16 -17.27
C GLY C 126 14.52 6.85 -17.14
N ASN C 127 15.20 5.77 -16.72
CA ASN C 127 14.63 4.41 -16.75
C ASN C 127 13.34 4.28 -15.96
N THR C 128 13.38 4.77 -14.72
CA THR C 128 12.24 4.70 -13.81
C THR C 128 11.10 5.61 -14.27
N LEU C 129 11.45 6.82 -14.66
CA LEU C 129 10.48 7.81 -15.14
C LEU C 129 9.69 7.31 -16.34
N ASN C 130 10.39 6.72 -17.31
CA ASN C 130 9.76 6.12 -18.47
C ASN C 130 8.72 5.06 -18.11
N LYS C 131 9.06 4.22 -17.13
CA LYS C 131 8.11 3.19 -16.67
C LYS C 131 6.87 3.82 -16.01
N VAL C 132 7.11 4.86 -15.22
CA VAL C 132 6.03 5.58 -14.55
C VAL C 132 5.12 6.33 -15.55
N ARG C 133 5.76 7.01 -16.48
CA ARG C 133 5.05 7.70 -17.53
C ARG C 133 4.13 6.72 -18.30
N ASP C 134 4.67 5.55 -18.68
CA ASP C 134 3.91 4.54 -19.43
C ASP C 134 2.67 4.05 -18.66
N LEU C 136 1.10 5.66 -16.17
CA LEU C 136 0.15 6.77 -16.11
C LEU C 136 -0.57 7.04 -17.43
N LEU C 137 0.12 6.89 -18.55
CA LEU C 137 -0.52 7.04 -19.86
C LEU C 137 -1.71 6.10 -20.05
N LEU C 138 -1.66 4.91 -19.42
CA LEU C 138 -2.79 3.97 -19.53
C LEU C 138 -4.09 4.52 -18.94
N ARG C 139 -3.96 5.48 -18.04
CA ARG C 139 -5.10 6.03 -17.34
C ARG C 139 -5.74 7.18 -18.11
N GLU C 140 -5.19 7.46 -19.30
CA GLU C 140 -5.73 8.44 -20.25
C GLU C 140 -5.91 9.84 -19.64
N PRO C 141 -4.82 10.41 -19.09
CA PRO C 141 -4.88 11.83 -18.73
C PRO C 141 -5.16 12.66 -19.98
N LYS C 142 -5.75 13.83 -19.78
CA LYS C 142 -6.00 14.78 -20.88
C LYS C 142 -4.64 15.16 -21.46
N SER C 143 -3.67 15.40 -20.57
CA SER C 143 -2.27 15.59 -20.98
C SER C 143 -1.31 15.11 -19.88
N LEU C 144 -0.11 14.71 -20.29
CA LEU C 144 0.94 14.29 -19.35
C LEU C 144 2.22 14.96 -19.74
N ALA C 145 2.81 15.65 -18.78
CA ALA C 145 4.08 16.37 -19.00
C ALA C 145 5.05 16.11 -17.85
N LEU C 146 6.34 16.37 -18.09
CA LEU C 146 7.39 16.14 -17.10
C LEU C 146 8.24 17.39 -16.87
N CYS C 147 8.46 17.75 -15.61
CA CYS C 147 9.32 18.86 -15.24
C CYS C 147 10.44 18.31 -14.34
N THR C 148 11.69 18.59 -14.67
CA THR C 148 12.80 18.23 -13.76
C THR C 148 13.65 19.44 -13.41
N LEU C 149 14.03 19.55 -12.14
CA LEU C 149 14.91 20.62 -11.74
C LEU C 149 16.28 20.48 -12.42
N LEU C 150 16.82 19.25 -12.37
CA LEU C 150 18.13 18.95 -12.94
C LEU C 150 18.05 17.84 -13.99
N ASP C 151 18.85 17.99 -15.04
CA ASP C 151 18.89 17.02 -16.12
C ASP C 151 20.36 16.75 -16.39
N LYS C 152 20.71 15.46 -16.39
CA LYS C 152 22.03 14.98 -16.82
C LYS C 152 21.87 14.26 -18.18
N PRO C 153 21.86 15.03 -19.29
CA PRO C 153 21.54 14.42 -20.60
C PRO C 153 22.54 13.34 -21.06
N GLU C 154 23.80 13.45 -20.62
CA GLU C 154 24.84 12.46 -20.99
C GLU C 154 24.53 11.07 -20.41
N ARG C 155 23.71 11.03 -19.36
CA ARG C 155 23.36 9.77 -18.69
C ARG C 155 22.14 9.06 -19.29
N ARG C 156 21.50 9.67 -20.28
CA ARG C 156 20.19 9.17 -20.75
C ARG C 156 20.27 7.79 -21.38
N GLU C 157 19.46 6.86 -20.84
CA GLU C 157 19.40 5.50 -21.36
C GLU C 157 18.13 5.17 -22.14
N VAL C 158 17.08 5.95 -21.94
CA VAL C 158 15.83 5.79 -22.67
C VAL C 158 15.29 7.17 -23.07
N ASP C 159 14.68 7.26 -24.26
CA ASP C 159 14.14 8.52 -24.77
C ASP C 159 12.82 8.96 -24.08
N VAL C 160 12.93 9.55 -22.90
CA VAL C 160 11.74 10.08 -22.21
C VAL C 160 11.55 11.58 -22.56
N PRO C 161 10.33 11.99 -22.95
CA PRO C 161 10.15 13.41 -23.27
C PRO C 161 10.09 14.28 -22.00
N VAL C 162 10.96 15.27 -21.92
CA VAL C 162 11.06 16.18 -20.77
C VAL C 162 10.61 17.55 -21.25
N ASP C 163 9.55 18.08 -20.62
CA ASP C 163 8.93 19.34 -21.06
C ASP C 163 9.55 20.59 -20.45
N PHE C 164 10.02 20.49 -19.22
CA PHE C 164 10.55 21.64 -18.49
C PHE C 164 11.81 21.23 -17.73
N ILE C 165 12.91 21.94 -17.96
CA ILE C 165 14.20 21.62 -17.31
C ILE C 165 14.75 22.87 -16.64
N GLY C 166 15.14 22.75 -15.37
CA GLY C 166 15.79 23.85 -14.66
C GLY C 166 17.24 24.06 -15.08
N PHE C 167 18.08 23.09 -14.75
CA PHE C 167 19.52 23.20 -14.97
C PHE C 167 19.96 21.95 -15.71
N THR C 168 20.80 22.13 -16.74
CA THR C 168 21.41 21.01 -17.42
C THR C 168 22.84 20.90 -16.94
N ILE C 169 23.19 19.73 -16.41
CA ILE C 169 24.46 19.57 -15.68
C ILE C 169 25.27 18.37 -16.17
N PRO C 170 26.61 18.44 -16.01
CA PRO C 170 27.42 17.24 -16.29
C PRO C 170 27.13 16.17 -15.23
N ASP C 171 27.68 14.98 -15.44
CA ASP C 171 27.47 13.87 -14.52
C ASP C 171 28.27 14.02 -13.22
N GLU C 172 27.95 15.04 -12.42
CA GLU C 172 28.64 15.27 -11.15
C GLU C 172 27.99 14.47 -10.03
N PHE C 173 28.80 14.16 -9.00
CA PHE C 173 28.31 13.48 -7.81
C PHE C 173 27.68 14.53 -6.90
N ILE C 174 26.36 14.62 -6.93
CA ILE C 174 25.62 15.72 -6.29
C ILE C 174 24.56 15.27 -5.28
N VAL C 175 24.32 16.13 -4.29
CA VAL C 175 23.30 15.91 -3.24
C VAL C 175 22.61 17.24 -2.95
N GLY C 176 21.56 17.20 -2.12
CA GLY C 176 20.89 18.43 -1.70
C GLY C 176 19.55 18.67 -2.38
N TYR C 177 18.75 19.55 -1.77
CA TYR C 177 17.45 19.95 -2.30
C TYR C 177 16.64 18.71 -2.71
N GLY C 178 16.60 17.73 -1.80
CA GLY C 178 15.86 16.49 -1.99
C GLY C 178 16.67 15.27 -2.40
N ILE C 179 17.82 15.52 -3.05
CA ILE C 179 18.71 14.45 -3.51
C ILE C 179 19.62 13.97 -2.39
N ASP C 180 19.64 12.65 -2.17
CA ASP C 180 20.42 12.05 -1.09
C ASP C 180 21.73 11.40 -1.56
N TYR C 181 22.66 11.27 -0.62
CA TYR C 181 23.64 10.17 -0.68
C TYR C 181 23.42 9.29 0.54
N ALA C 182 23.06 8.03 0.29
CA ALA C 182 22.72 7.04 1.33
C ALA C 182 21.74 7.62 2.34
N GLU C 183 20.69 8.27 1.82
CA GLU C 183 19.63 8.90 2.59
C GLU C 183 20.00 10.20 3.29
N GLN C 184 21.26 10.62 3.25
CA GLN C 184 21.59 11.91 3.89
C GLN C 184 21.68 13.06 2.88
N TYR C 185 21.67 14.29 3.40
CA TYR C 185 21.77 15.55 2.66
C TYR C 185 20.52 15.96 1.90
N ARG C 186 19.40 15.24 2.04
CA ARG C 186 18.19 15.68 1.30
C ARG C 186 17.72 17.07 1.74
N ASN C 187 18.04 17.43 2.97
CA ASN C 187 17.57 18.69 3.53
C ASN C 187 18.50 19.89 3.27
N LEU C 188 19.57 19.71 2.51
CA LEU C 188 20.40 20.87 2.18
C LEU C 188 19.58 21.83 1.34
N PRO C 189 19.63 23.13 1.67
CA PRO C 189 18.86 24.13 0.87
C PRO C 189 19.49 24.44 -0.49
N TYR C 190 20.70 23.92 -0.74
CA TYR C 190 21.41 24.13 -2.02
C TYR C 190 21.75 22.78 -2.63
N ILE C 191 22.25 22.80 -3.86
CA ILE C 191 22.75 21.59 -4.47
C ILE C 191 24.27 21.63 -4.34
N ALA C 192 24.81 20.56 -3.76
CA ALA C 192 26.23 20.44 -3.50
C ALA C 192 26.85 19.32 -4.32
N LYS C 193 28.14 19.47 -4.58
CA LYS C 193 28.93 18.43 -5.19
C LYS C 193 29.66 17.72 -4.05
N VAL C 194 29.63 16.39 -4.10
CA VAL C 194 30.32 15.58 -3.09
C VAL C 194 31.76 15.36 -3.54
N VAL C 195 32.68 15.77 -2.69
CA VAL C 195 34.11 15.85 -3.02
C VAL C 195 34.93 14.95 -2.10
N LYS D 24 -19.49 30.01 -4.58
CA LYS D 24 -19.95 29.40 -3.30
C LYS D 24 -18.98 29.64 -2.13
N HIS D 25 -17.76 30.10 -2.44
CA HIS D 25 -16.80 30.49 -1.40
C HIS D 25 -15.70 31.45 -1.88
N THR D 26 -15.12 32.18 -0.93
CA THR D 26 -13.91 32.97 -1.15
C THR D 26 -12.84 32.65 -0.06
N THR D 27 -11.65 33.24 -0.16
CA THR D 27 -10.60 33.06 0.86
C THR D 27 -10.14 34.40 1.44
N GLU D 28 -9.57 34.34 2.64
CA GLU D 28 -9.08 35.51 3.36
C GLU D 28 -7.84 35.11 4.17
N VAL D 29 -6.73 35.83 3.97
CA VAL D 29 -5.45 35.51 4.64
C VAL D 29 -5.58 35.54 6.16
N ILE D 31 -2.74 33.76 8.14
CA ILE D 31 -1.35 33.82 8.51
C ILE D 31 -0.55 34.00 7.22
N THR D 32 0.25 35.05 7.14
CA THR D 32 0.99 35.33 5.90
C THR D 32 2.20 34.39 5.73
N ALA D 33 2.75 34.38 4.52
CA ALA D 33 3.88 33.50 4.21
C ALA D 33 5.10 33.96 4.99
N GLU D 34 5.22 35.28 5.10
CA GLU D 34 6.20 35.91 5.96
C GLU D 34 6.09 35.50 7.43
N GLU D 35 4.88 35.48 7.98
CA GLU D 35 4.66 35.06 9.37
C GLU D 35 5.03 33.56 9.55
N ILE D 36 4.74 32.77 8.53
CA ILE D 36 5.05 31.33 8.61
C ILE D 36 6.58 31.17 8.61
N ASP D 37 7.25 31.85 7.68
CA ASP D 37 8.73 31.86 7.61
C ASP D 37 9.35 32.21 8.97
N GLN D 38 8.87 33.29 9.60
CA GLN D 38 9.33 33.68 10.92
C GLN D 38 9.10 32.59 11.95
N LYS D 39 7.93 31.95 11.92
CA LYS D 39 7.64 30.90 12.90
C LYS D 39 8.50 29.66 12.68
N LEU D 40 8.84 29.39 11.42
CA LEU D 40 9.69 28.23 11.15
C LEU D 40 11.10 28.43 11.72
N ASP D 41 11.58 29.67 11.72
CA ASP D 41 12.82 29.99 12.42
C ASP D 41 12.75 29.67 13.92
N ILE D 42 11.63 30.04 14.56
CA ILE D 42 11.39 29.76 15.99
C ILE D 42 11.33 28.24 16.23
N LEU D 43 10.55 27.54 15.40
CA LEU D 43 10.47 26.08 15.53
C LEU D 43 11.84 25.39 15.35
N ALA D 44 12.60 25.81 14.35
CA ALA D 44 13.93 25.22 14.10
C ALA D 44 14.87 25.43 15.28
N GLU D 45 14.91 26.66 15.81
CA GLU D 45 15.63 26.95 17.05
C GLU D 45 15.25 25.99 18.19
N GLN D 46 13.95 25.79 18.43
CA GLN D 46 13.50 24.83 19.45
C GLN D 46 13.94 23.39 19.17
N ILE D 47 13.75 22.95 17.92
CA ILE D 47 14.08 21.58 17.52
C ILE D 47 15.60 21.34 17.61
N ASN D 48 16.37 22.27 17.05
CA ASN D 48 17.82 22.16 17.06
C ASN D 48 18.39 22.14 18.47
N ALA D 49 17.83 22.96 19.35
CA ALA D 49 18.24 22.95 20.77
C ALA D 49 17.83 21.63 21.44
N HIS D 50 16.65 21.13 21.10
CA HIS D 50 16.17 19.87 21.67
C HIS D 50 17.05 18.67 21.30
N TYR D 51 17.56 18.67 20.07
CA TYR D 51 18.34 17.55 19.56
C TYR D 51 19.83 17.79 19.50
N ALA D 52 20.30 18.77 20.27
CA ALA D 52 21.71 19.15 20.31
C ALA D 52 22.64 17.93 20.43
N ASP D 53 22.26 16.99 21.29
CA ASP D 53 23.11 15.83 21.59
C ASP D 53 22.85 14.62 20.68
N SER D 54 21.88 14.75 19.78
CA SER D 54 21.46 13.64 18.93
C SER D 54 22.41 13.37 17.75
N ASP D 55 22.73 12.09 17.57
CA ASP D 55 23.60 11.64 16.49
C ASP D 55 22.98 11.88 15.11
N ARG D 56 21.68 11.64 15.01
CA ARG D 56 20.95 11.80 13.75
C ARG D 56 19.44 11.76 13.96
N LEU D 57 18.74 12.54 13.15
CA LEU D 57 17.32 12.73 13.32
C LEU D 57 16.57 12.21 12.10
N LEU D 58 15.53 11.43 12.33
CA LEU D 58 14.61 11.07 11.26
C LEU D 58 13.35 11.91 11.37
N VAL D 60 9.66 12.52 10.03
CA VAL D 60 8.65 11.70 9.33
C VAL D 60 7.38 12.55 9.15
N GLY D 61 6.98 12.79 7.90
CA GLY D 61 5.84 13.67 7.65
C GLY D 61 4.64 12.86 7.22
N LEU D 62 3.44 13.33 7.54
CA LEU D 62 2.24 12.62 7.08
C LEU D 62 1.76 13.22 5.76
N LEU D 63 1.55 12.38 4.73
CA LEU D 63 1.03 12.81 3.43
C LEU D 63 -0.48 13.02 3.47
N LYS D 64 -1.02 13.99 2.72
CA LYS D 64 -0.25 14.89 1.89
C LYS D 64 0.03 16.20 2.63
N GLY D 65 -0.69 16.42 3.72
CA GLY D 65 -0.75 17.71 4.38
C GLY D 65 0.55 18.31 4.93
N SER D 66 1.52 17.46 5.23
CA SER D 66 2.75 17.88 5.90
CA SER D 66 2.72 17.95 5.90
C SER D 66 3.86 18.26 4.93
N VAL D 67 3.63 18.05 3.63
CA VAL D 67 4.77 18.11 2.70
C VAL D 67 5.41 19.47 2.58
N VAL D 68 4.61 20.54 2.56
CA VAL D 68 5.19 21.88 2.41
C VAL D 68 5.90 22.33 3.70
N PHE D 69 5.21 22.10 4.82
CA PHE D 69 5.80 22.35 6.13
C PHE D 69 7.11 21.59 6.28
N ALA D 71 9.15 20.32 3.97
CA ALA D 71 10.18 20.83 3.04
C ALA D 71 10.86 22.07 3.60
N ASP D 72 10.03 22.98 4.11
CA ASP D 72 10.54 24.23 4.62
C ASP D 72 11.31 24.03 5.93
N LEU D 73 10.76 23.22 6.83
CA LEU D 73 11.36 23.05 8.13
C LEU D 73 12.67 22.27 8.09
N CYS D 74 12.71 21.19 7.30
CA CYS D 74 13.86 20.29 7.30
C CYS D 74 15.13 21.03 6.84
N ARG D 75 14.96 22.04 6.00
CA ARG D 75 16.10 22.82 5.51
C ARG D 75 16.72 23.71 6.58
N ARG D 76 16.10 23.76 7.76
CA ARG D 76 16.57 24.61 8.86
C ARG D 76 17.07 23.77 10.02
N ILE D 77 16.99 22.44 9.88
CA ILE D 77 17.33 21.56 10.99
C ILE D 77 18.78 21.10 10.81
N LYS D 78 19.57 21.19 11.89
CA LYS D 78 20.99 20.89 11.87
C LYS D 78 21.30 19.40 12.02
N GLY D 79 22.52 19.02 11.64
CA GLY D 79 23.02 17.68 11.90
C GLY D 79 22.71 16.72 10.78
N HIS D 80 22.89 15.43 11.06
CA HIS D 80 22.61 14.38 10.09
C HIS D 80 21.09 14.12 10.09
N VAL D 81 20.40 14.70 9.12
CA VAL D 81 18.94 14.62 9.06
C VAL D 81 18.53 13.72 7.92
N GLU D 82 17.54 12.85 8.16
CA GLU D 82 16.91 12.02 7.14
C GLU D 82 15.41 12.33 7.14
N ILE D 83 14.76 12.21 5.99
CA ILE D 83 13.32 12.51 5.93
C ILE D 83 12.60 11.28 5.40
N ASP D 84 11.36 11.11 5.83
CA ASP D 84 10.55 9.99 5.33
C ASP D 84 9.11 10.44 5.46
N PHE D 85 8.20 9.61 4.97
CA PHE D 85 6.78 9.94 4.87
C PHE D 85 5.92 8.72 5.13
N SER D 87 1.57 7.61 4.88
CA SER D 87 0.24 8.02 4.44
C SER D 87 -0.72 7.19 5.26
N VAL D 88 -1.56 7.84 6.07
CA VAL D 88 -2.54 7.09 6.84
C VAL D 88 -3.96 7.55 6.56
N SER D 89 -4.94 6.66 6.75
CA SER D 89 -6.34 7.08 6.65
C SER D 89 -6.74 7.81 7.95
N SER D 90 -7.65 8.77 7.83
CA SER D 90 -8.10 9.56 8.98
C SER D 90 -9.03 8.79 9.93
N TYR D 91 -8.80 8.97 11.23
CA TYR D 91 -9.66 8.35 12.25
C TYR D 91 -11.08 8.90 12.18
N ARG D 99 -13.96 4.71 11.72
CA ARG D 99 -12.94 4.55 10.69
C ARG D 99 -11.57 4.44 11.36
N ASP D 100 -10.97 3.25 11.29
CA ASP D 100 -9.64 3.00 11.85
C ASP D 100 -8.59 3.86 11.15
N VAL D 101 -7.49 4.11 11.84
CA VAL D 101 -6.32 4.66 11.17
C VAL D 101 -5.53 3.51 10.54
N LYS D 102 -5.61 3.43 9.21
CA LYS D 102 -4.91 2.40 8.42
C LYS D 102 -3.68 2.98 7.78
N ILE D 103 -2.66 2.15 7.61
CA ILE D 103 -1.42 2.58 6.96
C ILE D 103 -1.55 2.31 5.46
N LEU D 104 -1.64 3.39 4.69
CA LEU D 104 -1.69 3.31 3.22
C LEU D 104 -0.28 3.27 2.64
N LYS D 105 0.65 3.95 3.31
CA LYS D 105 2.07 3.80 2.96
C LYS D 105 2.86 3.95 4.24
N ASP D 106 3.67 2.94 4.57
CA ASP D 106 4.46 3.00 5.78
C ASP D 106 5.74 3.79 5.50
N VAL D 107 6.47 4.12 6.56
CA VAL D 107 7.80 4.71 6.38
C VAL D 107 8.73 3.69 5.70
N GLN D 108 9.70 4.17 4.94
CA GLN D 108 10.67 3.25 4.32
C GLN D 108 11.83 2.98 5.27
N SER D 109 12.07 3.91 6.18
CA SER D 109 13.23 3.85 7.04
C SER D 109 12.96 2.97 8.25
N GLU D 110 14.04 2.47 8.85
CA GLU D 110 13.93 1.81 10.13
C GLU D 110 13.72 2.84 11.23
N ILE D 111 12.91 2.48 12.22
CA ILE D 111 12.56 3.39 13.31
C ILE D 111 13.28 2.94 14.57
N GLN D 112 13.41 1.63 14.74
CA GLN D 112 14.01 1.09 15.94
C GLN D 112 15.36 1.75 16.23
N GLY D 113 15.51 2.25 17.46
CA GLY D 113 16.75 2.87 17.90
C GLY D 113 17.11 4.21 17.27
N ARG D 114 16.17 4.85 16.55
CA ARG D 114 16.37 6.18 15.95
C ARG D 114 15.69 7.28 16.78
N ASP D 115 16.26 8.49 16.77
CA ASP D 115 15.54 9.70 17.21
C ASP D 115 14.58 10.13 16.10
N VAL D 116 13.29 10.24 16.42
CA VAL D 116 12.29 10.41 15.36
C VAL D 116 11.43 11.62 15.72
N LEU D 117 11.20 12.50 14.74
CA LEU D 117 10.31 13.65 14.89
C LEU D 117 9.19 13.54 13.86
N ILE D 118 7.95 13.44 14.34
CA ILE D 118 6.80 13.39 13.45
C ILE D 118 6.43 14.83 13.15
N VAL D 119 6.19 15.12 11.88
CA VAL D 119 5.93 16.48 11.43
C VAL D 119 4.54 16.50 10.79
N GLU D 120 3.65 17.31 11.37
CA GLU D 120 2.25 17.37 10.96
C GLU D 120 1.85 18.83 10.70
N ASP D 121 0.95 19.08 9.74
CA ASP D 121 0.50 20.45 9.46
C ASP D 121 -0.43 20.98 10.54
N LEU D 122 -1.38 20.14 10.95
CA LEU D 122 -2.45 20.56 11.86
C LEU D 122 -2.88 19.47 12.80
N ILE D 123 -3.03 19.82 14.07
CA ILE D 123 -3.70 18.94 14.98
C ILE D 123 -5.01 19.57 15.44
N ASP D 124 -6.09 18.79 15.35
CA ASP D 124 -7.38 19.22 15.93
C ASP D 124 -7.92 18.20 16.95
N SER D 125 -8.59 17.13 16.50
CA SER D 125 -9.09 16.13 17.44
C SER D 125 -7.93 15.43 18.14
N GLY D 126 -6.83 15.25 17.40
CA GLY D 126 -5.68 14.50 17.90
C GLY D 126 -5.78 13.00 17.64
N ASN D 127 -6.94 12.56 17.14
CA ASN D 127 -7.27 11.14 17.02
C ASN D 127 -6.33 10.41 16.07
N THR D 128 -6.06 11.00 14.91
CA THR D 128 -5.16 10.39 13.93
C THR D 128 -3.69 10.37 14.38
N LEU D 129 -3.20 11.51 14.83
CA LEU D 129 -1.82 11.62 15.30
C LEU D 129 -1.57 10.71 16.50
N ASN D 130 -2.58 10.52 17.34
CA ASN D 130 -2.43 9.64 18.48
C ASN D 130 -2.17 8.20 18.05
N LYS D 131 -2.90 7.75 17.02
CA LYS D 131 -2.73 6.40 16.48
C LYS D 131 -1.37 6.27 15.79
N VAL D 132 -0.97 7.31 15.04
CA VAL D 132 0.34 7.30 14.38
C VAL D 132 1.48 7.24 15.40
N ARG D 133 1.38 8.07 16.42
CA ARG D 133 2.35 8.03 17.51
C ARG D 133 2.45 6.63 18.11
N ASP D 134 1.31 6.03 18.42
CA ASP D 134 1.27 4.71 19.00
C ASP D 134 1.96 3.67 18.11
N LEU D 136 4.32 4.10 15.81
CA LEU D 136 5.75 4.35 15.86
C LEU D 136 6.41 3.98 17.20
N LEU D 137 5.71 4.21 18.32
CA LEU D 137 6.19 3.76 19.64
C LEU D 137 6.39 2.25 19.70
N LEU D 138 5.51 1.49 19.05
CA LEU D 138 5.65 0.03 18.96
C LEU D 138 6.95 -0.43 18.31
N ARG D 139 7.53 0.42 17.48
CA ARG D 139 8.78 0.07 16.83
C ARG D 139 10.01 0.41 17.62
N GLU D 140 9.80 0.87 18.85
CA GLU D 140 10.90 1.11 19.79
C GLU D 140 11.98 2.10 19.30
N PRO D 141 11.56 3.34 18.93
CA PRO D 141 12.55 4.35 18.62
C PRO D 141 13.36 4.71 19.87
N LYS D 142 14.53 5.30 19.66
CA LYS D 142 15.34 5.86 20.74
C LYS D 142 14.62 7.05 21.39
N SER D 143 13.99 7.90 20.59
CA SER D 143 13.09 8.94 21.10
C SER D 143 12.04 9.24 20.04
N LEU D 144 10.92 9.80 20.49
CA LEU D 144 9.85 10.18 19.57
C LEU D 144 9.28 11.50 20.02
N ALA D 145 9.18 12.44 19.09
CA ALA D 145 8.61 13.75 19.42
C ALA D 145 7.72 14.16 18.28
N LEU D 146 6.82 15.11 18.55
CA LEU D 146 5.83 15.52 17.57
C LEU D 146 5.85 17.02 17.42
N CYS D 147 5.76 17.47 16.18
CA CYS D 147 5.76 18.88 15.85
C CYS D 147 4.57 19.15 14.92
N THR D 148 3.76 20.15 15.29
CA THR D 148 2.65 20.56 14.46
C THR D 148 2.75 22.05 14.18
N LEU D 149 2.54 22.45 12.94
CA LEU D 149 2.60 23.85 12.60
C LEU D 149 1.42 24.58 13.22
N LEU D 150 0.23 23.97 13.13
CA LEU D 150 -1.03 24.54 13.64
C LEU D 150 -1.70 23.62 14.65
N ASP D 151 -2.26 24.24 15.67
CA ASP D 151 -2.95 23.51 16.71
C ASP D 151 -4.29 24.21 16.95
N LYS D 152 -5.36 23.44 16.92
CA LYS D 152 -6.70 23.92 17.29
C LYS D 152 -7.02 23.23 18.60
N PRO D 153 -6.60 23.82 19.73
CA PRO D 153 -6.77 23.05 20.98
C PRO D 153 -8.24 22.86 21.42
N GLU D 154 -9.16 23.72 20.99
CA GLU D 154 -10.57 23.54 21.39
C GLU D 154 -11.22 22.32 20.73
N ARG D 155 -10.54 21.73 19.76
CA ARG D 155 -11.02 20.55 19.05
C ARG D 155 -10.54 19.23 19.67
N ARG D 156 -9.61 19.30 20.62
CA ARG D 156 -8.93 18.09 21.11
C ARG D 156 -9.89 17.07 21.73
N GLU D 157 -9.89 15.86 21.18
CA GLU D 157 -10.66 14.76 21.75
C GLU D 157 -9.78 13.76 22.52
N VAL D 158 -8.51 13.68 22.15
CA VAL D 158 -7.56 12.80 22.83
C VAL D 158 -6.28 13.58 23.13
N ASP D 159 -5.72 13.37 24.31
CA ASP D 159 -4.63 14.23 24.78
C ASP D 159 -3.23 13.76 24.33
N VAL D 160 -3.02 13.77 23.03
CA VAL D 160 -1.71 13.38 22.46
C VAL D 160 -0.63 14.43 22.80
N PRO D 161 0.53 14.00 23.35
CA PRO D 161 1.53 15.01 23.73
C PRO D 161 2.23 15.58 22.49
N VAL D 162 2.24 16.90 22.36
CA VAL D 162 2.90 17.58 21.22
C VAL D 162 4.07 18.42 21.73
N ASP D 163 5.25 18.19 21.18
CA ASP D 163 6.47 18.82 21.70
C ASP D 163 6.74 20.24 21.16
N PHE D 164 6.38 20.47 19.90
CA PHE D 164 6.65 21.74 19.21
C PHE D 164 5.38 22.18 18.52
N ILE D 165 4.95 23.41 18.78
CA ILE D 165 3.74 23.94 18.16
C ILE D 165 4.04 25.32 17.59
N GLY D 166 3.66 25.52 16.33
CA GLY D 166 3.84 26.80 15.67
C GLY D 166 2.85 27.85 16.13
N PHE D 167 1.58 27.66 15.76
CA PHE D 167 0.54 28.67 15.94
C PHE D 167 -0.64 27.98 16.58
N THR D 168 -1.23 28.62 17.58
CA THR D 168 -2.48 28.16 18.16
C THR D 168 -3.62 28.97 17.53
N ILE D 169 -4.52 28.27 16.84
CA ILE D 169 -5.54 28.95 16.04
C ILE D 169 -6.96 28.62 16.51
N PRO D 170 -7.92 29.54 16.26
CA PRO D 170 -9.33 29.19 16.56
C PRO D 170 -9.86 28.15 15.56
N ASP D 171 -10.97 27.50 15.90
CA ASP D 171 -11.57 26.49 15.03
C ASP D 171 -12.21 27.16 13.81
N GLU D 172 -11.37 27.55 12.86
CA GLU D 172 -11.80 28.18 11.63
C GLU D 172 -11.62 27.21 10.48
N PHE D 173 -12.38 27.42 9.42
CA PHE D 173 -12.31 26.62 8.22
C PHE D 173 -11.08 27.15 7.46
N ILE D 174 -9.99 26.38 7.48
CA ILE D 174 -8.71 26.88 6.97
C ILE D 174 -8.08 26.03 5.86
N VAL D 175 -7.29 26.69 5.01
CA VAL D 175 -6.63 26.04 3.88
C VAL D 175 -5.27 26.70 3.66
N GLY D 176 -4.44 26.06 2.84
CA GLY D 176 -3.15 26.66 2.48
C GLY D 176 -1.95 25.97 3.12
N TYR D 177 -0.78 26.18 2.54
CA TYR D 177 0.46 25.65 3.10
C TYR D 177 0.30 24.14 3.41
N GLY D 178 -0.26 23.41 2.46
CA GLY D 178 -0.43 21.95 2.58
C GLY D 178 -1.85 21.49 2.90
N ILE D 179 -2.65 22.37 3.47
CA ILE D 179 -4.01 22.03 3.90
C ILE D 179 -4.97 22.31 2.75
N ASP D 180 -5.83 21.32 2.45
CA ASP D 180 -6.75 21.40 1.35
C ASP D 180 -8.19 21.69 1.77
N TYR D 181 -8.98 22.14 0.81
CA TYR D 181 -10.45 21.97 0.87
C TYR D 181 -10.80 21.28 -0.42
N ALA D 182 -11.30 20.05 -0.31
CA ALA D 182 -11.65 19.24 -1.48
C ALA D 182 -10.46 19.16 -2.46
N GLU D 183 -9.29 18.90 -1.89
CA GLU D 183 -8.00 18.77 -2.61
C GLU D 183 -7.41 20.06 -3.18
N GLN D 184 -8.17 21.16 -3.15
CA GLN D 184 -7.70 22.46 -3.65
C GLN D 184 -6.97 23.26 -2.55
N TYR D 185 -6.17 24.25 -2.97
CA TYR D 185 -5.48 25.21 -2.08
C TYR D 185 -4.27 24.72 -1.30
N ARG D 186 -3.85 23.48 -1.50
CA ARG D 186 -2.66 22.99 -0.76
C ARG D 186 -1.42 23.81 -1.10
N ASN D 187 -1.44 24.40 -2.29
CA ASN D 187 -0.28 25.14 -2.81
C ASN D 187 -0.28 26.62 -2.50
N LEU D 188 -1.28 27.11 -1.75
CA LEU D 188 -1.26 28.50 -1.30
C LEU D 188 -0.05 28.70 -0.38
N PRO D 189 0.71 29.78 -0.59
CA PRO D 189 1.90 29.95 0.23
C PRO D 189 1.62 30.54 1.60
N TYR D 190 0.37 30.92 1.85
CA TYR D 190 -0.06 31.41 3.17
C TYR D 190 -1.24 30.54 3.68
N ILE D 191 -1.62 30.75 4.94
CA ILE D 191 -2.80 30.09 5.49
C ILE D 191 -4.00 31.04 5.42
N ALA D 192 -5.12 30.52 4.95
CA ALA D 192 -6.27 31.34 4.62
C ALA D 192 -7.52 30.75 5.23
N LYS D 193 -8.47 31.61 5.54
CA LYS D 193 -9.79 31.23 6.00
C LYS D 193 -10.70 31.11 4.77
N VAL D 194 -11.53 30.08 4.72
CA VAL D 194 -12.52 29.97 3.64
C VAL D 194 -13.81 30.61 4.16
N VAL D 195 -14.36 31.54 3.39
CA VAL D 195 -15.60 32.22 3.77
C VAL D 195 -16.74 31.64 2.93
N PRO D 196 -17.52 30.70 3.51
CA PRO D 196 -18.54 29.97 2.76
C PRO D 196 -19.84 30.76 2.65
#